data_7UM3
#
_entry.id   7UM3
#
_cell.length_a   64.238
_cell.length_b   112.620
_cell.length_c   125.619
_cell.angle_alpha   90.000
_cell.angle_beta   90.000
_cell.angle_gamma   90.000
#
_symmetry.space_group_name_H-M   'P 21 21 21'
#
loop_
_entity.id
_entity.type
_entity.pdbx_description
1 polymer 'Fab heavy chain'
2 polymer 'Fab light chain'
3 polymer 'D1 domain loop peptide from Lymphocyte activation gene 3 protein'
4 water water
#
loop_
_entity_poly.entity_id
_entity_poly.type
_entity_poly.pdbx_seq_one_letter_code
_entity_poly.pdbx_strand_id
1 'polypeptide(L)'
;QVQLQQWGAGLLKPSETLSLTCAVYGGSFSDYYWNWIRQPPGKGLEWIGEINHNGNTNSNPSLKSRVTLSLDTSKNQFSL
KLRSVTAADTAVYYCAFGYSDYEYNWFDPWGQGTLVTVSSASTKGPSVFPLAPSSKSTSGGTAALGCLVKDYFPEPVTVS
WNSGALTSGVHTFPAVLQSSGLYSLSSVVTVPSSSLGTQTYICNVNHKPSNTKVDKRVEPKSCGGHHHHHH
;
I,H
2 'polypeptide(L)'
;EIVLTQSPATLSLSPGERATLSCRASQSISSYLAWYQQKPGQAPRLLIYDASNRATGIPARFSGSGSGTDFTLTISSLEP
EDFAVYYCQQRSNWPLTFGQGTNLEIKRTVAAPSVFIFPPSDEQLKSGTASVVCLLNNFYPREAKVQWKVDNALQSGNSQ
ESVTEQDSKDSTYSLSSTLTLSKADYEKHKVYACEVTHQGLSSPVTKSFNRGEC
;
M,L
3 'polypeptide(L)' PGPHPAAPSSWGPRPR B,A
#
# COMPACT_ATOMS: atom_id res chain seq x y z
N GLN A 1 -22.51 2.00 -4.90
CA GLN A 1 -21.90 1.88 -3.57
C GLN A 1 -21.94 0.44 -2.99
N VAL A 2 -20.96 -0.38 -3.37
CA VAL A 2 -20.76 -1.72 -2.82
C VAL A 2 -19.30 -1.85 -2.40
N GLN A 3 -19.04 -2.54 -1.28
CA GLN A 3 -17.68 -2.75 -0.78
C GLN A 3 -17.44 -4.23 -0.51
N LEU A 4 -16.27 -4.72 -0.91
CA LEU A 4 -15.90 -6.11 -0.75
C LEU A 4 -14.84 -6.27 0.32
N GLN A 5 -14.97 -7.31 1.13
CA GLN A 5 -13.93 -7.72 2.06
C GLN A 5 -13.72 -9.21 1.90
N GLN A 6 -12.45 -9.66 1.94
CA GLN A 6 -12.18 -11.09 1.97
C GLN A 6 -11.13 -11.40 3.02
N TRP A 7 -11.21 -12.61 3.56
CA TRP A 7 -10.33 -13.07 4.62
C TRP A 7 -10.23 -14.58 4.58
N GLY A 8 -9.21 -15.10 5.26
CA GLY A 8 -8.93 -16.51 5.32
C GLY A 8 -7.43 -16.76 5.47
N ALA A 9 -7.10 -17.92 6.01
CA ALA A 9 -5.70 -18.25 6.28
C ALA A 9 -4.94 -18.47 4.98
N GLY A 10 -3.81 -17.78 4.84
CA GLY A 10 -3.03 -17.80 3.62
C GLY A 10 -1.79 -18.67 3.58
N LEU A 11 -1.33 -19.17 4.73
CA LEU A 11 -0.13 -20.02 4.76
C LEU A 11 -0.56 -21.44 5.09
N LEU A 12 -0.34 -22.37 4.14
CA LEU A 12 -0.80 -23.74 4.25
C LEU A 12 0.31 -24.71 3.86
N LYS A 13 0.25 -25.90 4.43
CA LYS A 13 1.09 -27.02 4.05
C LYS A 13 0.35 -27.95 3.09
N PRO A 14 1.06 -28.73 2.27
CA PRO A 14 0.37 -29.61 1.31
C PRO A 14 -0.59 -30.55 2.02
N SER A 15 -1.71 -30.82 1.36
CA SER A 15 -2.87 -31.66 1.73
C SER A 15 -3.80 -30.99 2.76
N GLU A 16 -3.49 -29.80 3.27
CA GLU A 16 -4.47 -29.10 4.08
C GLU A 16 -5.60 -28.57 3.19
N THR A 17 -6.59 -27.95 3.81
CA THR A 17 -7.77 -27.45 3.12
C THR A 17 -7.78 -25.93 3.21
N LEU A 18 -7.63 -25.27 2.06
CA LEU A 18 -7.79 -23.82 1.99
C LEU A 18 -9.24 -23.45 2.26
N SER A 19 -9.44 -22.36 2.98
CA SER A 19 -10.78 -21.87 3.28
C SER A 19 -10.74 -20.36 3.25
N LEU A 20 -11.41 -19.77 2.28
CA LEU A 20 -11.50 -18.33 2.17
C LEU A 20 -12.95 -17.93 2.30
N THR A 21 -13.18 -16.69 2.72
CA THR A 21 -14.51 -16.16 2.83
C THR A 21 -14.52 -14.75 2.25
N CYS A 22 -15.65 -14.37 1.66
CA CYS A 22 -15.84 -13.06 1.10
C CYS A 22 -17.20 -12.51 1.54
N ALA A 23 -17.23 -11.23 1.91
CA ALA A 23 -18.45 -10.58 2.35
C ALA A 23 -18.69 -9.34 1.52
N VAL A 24 -19.95 -9.01 1.29
CA VAL A 24 -20.30 -7.78 0.59
C VAL A 24 -21.10 -6.90 1.54
N TYR A 25 -20.82 -5.60 1.52
CA TYR A 25 -21.51 -4.59 2.31
C TYR A 25 -21.98 -3.47 1.39
N GLY A 26 -23.17 -2.94 1.64
CA GLY A 26 -23.70 -1.86 0.82
C GLY A 26 -25.11 -2.07 0.31
N PHE A 29 -28.69 -5.19 -4.00
CA PHE A 29 -28.97 -5.51 -5.40
C PHE A 29 -29.40 -6.99 -5.54
N SER A 30 -30.30 -7.28 -6.48
CA SER A 30 -31.03 -8.54 -6.43
C SER A 30 -30.48 -9.65 -7.32
N ASP A 31 -29.93 -9.35 -8.50
CA ASP A 31 -29.28 -10.39 -9.28
C ASP A 31 -27.77 -10.19 -9.17
N TYR A 32 -27.12 -11.20 -8.62
CA TYR A 32 -25.74 -11.12 -8.24
C TYR A 32 -25.03 -12.40 -8.65
N TYR A 33 -23.72 -12.31 -8.77
CA TYR A 33 -22.93 -13.42 -9.29
C TYR A 33 -21.61 -13.46 -8.53
N TRP A 34 -21.59 -14.29 -7.49
CA TRP A 34 -20.40 -14.49 -6.67
C TRP A 34 -19.45 -15.43 -7.38
N ASN A 35 -18.21 -14.98 -7.58
CA ASN A 35 -17.19 -15.75 -8.27
C ASN A 35 -15.89 -15.74 -7.48
N TRP A 36 -15.13 -16.82 -7.64
CA TRP A 36 -13.77 -16.93 -7.18
C TRP A 36 -12.88 -17.09 -8.40
N ILE A 37 -11.81 -16.33 -8.42
CA ILE A 37 -10.76 -16.41 -9.43
C ILE A 37 -9.43 -16.43 -8.69
N ARG A 38 -8.43 -17.08 -9.29
CA ARG A 38 -7.10 -17.11 -8.73
C ARG A 38 -6.08 -16.81 -9.82
N GLN A 39 -4.93 -16.28 -9.41
CA GLN A 39 -3.89 -15.87 -10.33
C GLN A 39 -2.54 -16.24 -9.73
N PRO A 40 -1.91 -17.32 -10.20
CA PRO A 40 -0.58 -17.65 -9.74
C PRO A 40 0.36 -16.52 -10.11
N PRO A 41 1.48 -16.37 -9.38
CA PRO A 41 2.37 -15.23 -9.62
C PRO A 41 2.92 -15.22 -11.04
N GLY A 42 2.87 -14.05 -11.68
CA GLY A 42 3.32 -13.91 -13.05
C GLY A 42 2.50 -14.60 -14.11
N LYS A 43 1.29 -15.07 -13.79
CA LYS A 43 0.50 -15.82 -14.75
C LYS A 43 -0.88 -15.16 -14.92
N GLY A 44 -1.72 -15.78 -15.75
CA GLY A 44 -3.04 -15.23 -16.05
C GLY A 44 -4.08 -15.67 -15.05
N LEU A 45 -5.34 -15.39 -15.38
CA LEU A 45 -6.45 -15.65 -14.48
C LEU A 45 -7.02 -17.03 -14.73
N GLU A 46 -7.35 -17.73 -13.64
CA GLU A 46 -7.98 -19.04 -13.70
C GLU A 46 -9.25 -19.01 -12.85
N TRP A 47 -10.39 -19.21 -13.51
CA TRP A 47 -11.67 -19.21 -12.82
C TRP A 47 -11.79 -20.43 -11.90
N ILE A 48 -12.38 -20.22 -10.72
CA ILE A 48 -12.54 -21.25 -9.71
C ILE A 48 -14.00 -21.74 -9.64
N GLY A 49 -14.94 -20.84 -9.38
CA GLY A 49 -16.31 -21.25 -9.24
C GLY A 49 -17.23 -20.05 -9.06
N GLU A 50 -18.53 -20.31 -9.25
CA GLU A 50 -19.55 -19.28 -9.11
C GLU A 50 -20.78 -19.84 -8.41
N ILE A 51 -21.34 -19.05 -7.50
CA ILE A 51 -22.71 -19.21 -7.04
C ILE A 51 -23.50 -17.97 -7.41
N ASN A 52 -24.62 -18.14 -8.10
CA ASN A 52 -25.41 -16.99 -8.50
C ASN A 52 -26.70 -16.90 -7.67
N HIS A 53 -27.45 -15.83 -7.94
CA HIS A 53 -28.63 -15.48 -7.16
C HIS A 53 -29.76 -16.48 -7.35
N ASN A 54 -29.71 -17.30 -8.40
CA ASN A 54 -30.65 -18.40 -8.56
C ASN A 54 -30.22 -19.66 -7.83
N GLY A 55 -29.00 -19.67 -7.29
CA GLY A 55 -28.46 -20.86 -6.67
C GLY A 55 -27.68 -21.77 -7.60
N ASN A 56 -27.54 -21.45 -8.88
CA ASN A 56 -26.60 -22.20 -9.70
C ASN A 56 -25.22 -22.17 -9.07
N THR A 57 -24.60 -23.34 -9.00
CA THR A 57 -23.29 -23.52 -8.40
C THR A 57 -22.44 -24.33 -9.36
N ASN A 58 -21.31 -23.78 -9.77
CA ASN A 58 -20.44 -24.45 -10.72
C ASN A 58 -19.00 -24.21 -10.30
N SER A 59 -18.16 -25.19 -10.63
CA SER A 59 -16.75 -25.23 -10.28
C SER A 59 -15.95 -25.52 -11.53
N ASN A 60 -14.71 -25.02 -11.52
CA ASN A 60 -13.79 -25.31 -12.60
C ASN A 60 -13.54 -26.82 -12.62
N PRO A 61 -13.78 -27.50 -13.73
CA PRO A 61 -13.52 -28.96 -13.76
C PRO A 61 -12.08 -29.35 -13.47
N SER A 62 -11.11 -28.48 -13.76
CA SER A 62 -9.71 -28.79 -13.48
C SER A 62 -9.43 -28.91 -11.99
N LEU A 63 -10.30 -28.34 -11.14
CA LEU A 63 -10.13 -28.48 -9.70
C LEU A 63 -10.69 -29.80 -9.18
N LYS A 64 -11.19 -30.65 -10.07
CA LYS A 64 -11.36 -32.09 -9.88
C LYS A 64 -12.10 -32.45 -8.59
N SER A 65 -13.26 -31.83 -8.37
CA SER A 65 -14.11 -32.15 -7.23
C SER A 65 -13.40 -31.98 -5.87
N ARG A 66 -12.33 -31.16 -5.82
CA ARG A 66 -11.74 -30.73 -4.57
C ARG A 66 -12.42 -29.49 -4.01
N VAL A 67 -13.37 -28.89 -4.75
CA VAL A 67 -13.95 -27.59 -4.39
C VAL A 67 -15.27 -27.75 -3.65
N THR A 68 -15.51 -26.86 -2.69
CA THR A 68 -16.83 -26.62 -2.12
C THR A 68 -17.10 -25.13 -2.13
N LEU A 69 -18.20 -24.73 -2.73
CA LEU A 69 -18.67 -23.36 -2.66
C LEU A 69 -19.84 -23.27 -1.69
N SER A 70 -19.95 -22.14 -1.00
CA SER A 70 -21.11 -21.99 -0.14
C SER A 70 -21.42 -20.52 0.05
N LEU A 71 -22.70 -20.23 0.28
CA LEU A 71 -23.16 -18.87 0.47
C LEU A 71 -24.12 -18.84 1.66
N ASP A 72 -23.72 -18.16 2.73
CA ASP A 72 -24.62 -17.86 3.85
C ASP A 72 -25.31 -16.55 3.47
N THR A 73 -26.56 -16.66 3.02
CA THR A 73 -27.29 -15.49 2.54
C THR A 73 -27.74 -14.57 3.65
N SER A 74 -27.73 -15.04 4.90
CA SER A 74 -28.03 -14.14 6.01
C SER A 74 -26.90 -13.13 6.21
N LYS A 75 -25.66 -13.62 6.35
CA LYS A 75 -24.50 -12.74 6.55
C LYS A 75 -24.00 -12.13 5.25
N ASN A 76 -24.50 -12.56 4.09
CA ASN A 76 -23.96 -12.16 2.78
C ASN A 76 -22.50 -12.58 2.64
N GLN A 77 -22.21 -13.83 2.97
CA GLN A 77 -20.85 -14.34 3.02
C GLN A 77 -20.69 -15.48 2.04
N PHE A 78 -19.83 -15.26 1.07
CA PHE A 78 -19.49 -16.22 0.03
C PHE A 78 -18.16 -16.81 0.43
N SER A 79 -18.06 -18.14 0.42
CA SER A 79 -16.81 -18.71 0.86
C SER A 79 -16.41 -19.87 -0.04
N LEU A 80 -15.12 -20.22 0.03
CA LEU A 80 -14.48 -21.23 -0.81
C LEU A 80 -13.72 -22.23 0.06
N LYS A 81 -13.86 -23.51 -0.25
CA LYS A 81 -13.01 -24.54 0.30
C LYS A 81 -12.32 -25.25 -0.85
N LEU A 82 -11.00 -25.46 -0.72
CA LEU A 82 -10.21 -26.19 -1.71
C LEU A 82 -9.39 -27.24 -0.95
N ARG A 83 -9.68 -28.52 -1.20
CA ARG A 83 -9.10 -29.62 -0.43
C ARG A 83 -7.78 -30.10 -1.04
N SER A 84 -6.95 -30.71 -0.18
CA SER A 84 -5.75 -31.43 -0.61
C SER A 84 -4.83 -30.55 -1.47
N VAL A 85 -4.48 -29.38 -0.94
CA VAL A 85 -3.75 -28.40 -1.74
C VAL A 85 -2.31 -28.86 -1.93
N THR A 86 -1.76 -28.60 -3.11
CA THR A 86 -0.34 -28.75 -3.38
C THR A 86 0.23 -27.39 -3.75
N ALA A 87 1.53 -27.37 -4.04
CA ALA A 87 2.19 -26.11 -4.39
C ALA A 87 1.53 -25.47 -5.60
N ALA A 88 0.94 -26.29 -6.48
CA ALA A 88 0.27 -25.83 -7.69
C ALA A 88 -0.90 -24.90 -7.42
N ASP A 89 -1.39 -24.83 -6.17
CA ASP A 89 -2.49 -23.97 -5.80
C ASP A 89 -2.05 -22.64 -5.23
N THR A 90 -0.73 -22.42 -5.10
CA THR A 90 -0.21 -21.12 -4.68
C THR A 90 -0.61 -20.06 -5.71
N ALA A 91 -1.34 -19.04 -5.26
CA ALA A 91 -1.86 -17.99 -6.14
C ALA A 91 -2.46 -16.90 -5.25
N VAL A 92 -2.76 -15.77 -5.87
CA VAL A 92 -3.65 -14.80 -5.23
C VAL A 92 -5.07 -15.22 -5.59
N TYR A 93 -5.92 -15.33 -4.57
CA TYR A 93 -7.32 -15.71 -4.74
C TYR A 93 -8.19 -14.47 -4.64
N TYR A 94 -8.96 -14.20 -5.68
CA TYR A 94 -9.85 -13.05 -5.76
C TYR A 94 -11.30 -13.48 -5.56
N CYS A 95 -12.04 -12.68 -4.83
CA CYS A 95 -13.49 -12.73 -4.78
C CYS A 95 -14.03 -11.67 -5.73
N ALA A 96 -15.03 -12.02 -6.54
CA ALA A 96 -15.66 -11.05 -7.43
C ALA A 96 -17.17 -11.11 -7.23
N PHE A 97 -17.80 -9.94 -7.12
CA PHE A 97 -19.22 -9.82 -6.87
C PHE A 97 -19.86 -9.10 -8.05
N GLY A 98 -20.32 -9.89 -9.01
CA GLY A 98 -21.01 -9.33 -10.14
C GLY A 98 -22.47 -9.09 -9.80
N TYR A 99 -23.01 -7.98 -10.29
CA TYR A 99 -24.41 -7.67 -10.04
C TYR A 99 -24.85 -6.60 -11.01
N SER A 100 -26.16 -6.42 -11.11
CA SER A 100 -26.71 -5.27 -11.81
C SER A 100 -27.64 -4.52 -10.87
N ASP A 101 -27.74 -3.21 -11.11
CA ASP A 101 -28.50 -2.32 -10.24
C ASP A 101 -29.95 -2.18 -10.73
N TYR A 102 -30.68 -1.24 -10.13
CA TYR A 102 -32.10 -1.07 -10.38
C TYR A 102 -32.41 -0.69 -11.82
N GLU A 103 -31.36 -0.47 -12.64
CA GLU A 103 -31.56 0.02 -14.00
C GLU A 103 -30.85 -0.81 -15.07
N TYR A 104 -30.46 -2.05 -14.77
CA TYR A 104 -29.80 -2.95 -15.72
C TYR A 104 -28.39 -2.51 -16.11
N ASN A 105 -27.72 -1.70 -15.29
CA ASN A 105 -26.28 -1.47 -15.45
C ASN A 105 -25.57 -2.60 -14.71
N TRP A 106 -24.54 -3.16 -15.33
CA TRP A 106 -23.84 -4.30 -14.78
C TRP A 106 -22.53 -3.86 -14.11
N PHE A 107 -22.22 -4.49 -12.96
CA PHE A 107 -21.00 -4.21 -12.21
C PHE A 107 -20.35 -5.51 -11.78
N ASP A 108 -19.02 -5.48 -11.69
CA ASP A 108 -18.26 -6.64 -11.24
C ASP A 108 -17.02 -6.19 -10.48
N PRO A 109 -17.19 -5.61 -9.28
CA PRO A 109 -16.02 -5.32 -8.43
C PRO A 109 -15.32 -6.59 -7.98
N TRP A 110 -13.99 -6.58 -8.02
CA TRP A 110 -13.19 -7.64 -7.43
C TRP A 110 -12.58 -7.19 -6.11
N GLY A 111 -12.43 -8.14 -5.20
CA GLY A 111 -11.79 -7.90 -3.91
C GLY A 111 -10.31 -7.68 -4.07
N GLN A 112 -9.65 -7.48 -2.93
CA GLN A 112 -8.23 -7.23 -2.96
C GLN A 112 -7.39 -8.50 -3.13
N GLY A 113 -7.95 -9.66 -2.87
CA GLY A 113 -7.20 -10.89 -3.00
C GLY A 113 -6.49 -11.34 -1.73
N THR A 114 -6.49 -12.64 -1.53
CA THR A 114 -5.71 -13.29 -0.51
C THR A 114 -4.61 -14.07 -1.21
N LEU A 115 -3.36 -13.74 -0.91
CA LEU A 115 -2.26 -14.58 -1.35
C LEU A 115 -2.25 -15.84 -0.49
N VAL A 116 -2.32 -16.99 -1.14
CA VAL A 116 -2.19 -18.26 -0.44
C VAL A 116 -0.93 -18.95 -0.94
N THR A 117 -0.08 -19.34 -0.01
CA THR A 117 1.14 -20.06 -0.31
C THR A 117 1.00 -21.48 0.24
N VAL A 118 1.10 -22.45 -0.65
CA VAL A 118 1.10 -23.86 -0.28
C VAL A 118 2.49 -24.39 -0.48
N SER A 119 3.16 -24.72 0.63
CA SER A 119 4.53 -25.23 0.62
C SER A 119 4.79 -25.97 1.92
N SER A 120 5.70 -26.94 1.87
CA SER A 120 6.14 -27.59 3.10
C SER A 120 7.17 -26.77 3.87
N ALA A 121 7.70 -25.70 3.28
CA ALA A 121 8.68 -24.85 3.97
C ALA A 121 8.04 -24.20 5.18
N SER A 122 8.89 -23.70 6.08
CA SER A 122 8.44 -23.04 7.30
C SER A 122 8.90 -21.59 7.29
N THR A 123 8.10 -20.74 7.93
CA THR A 123 8.41 -19.32 7.99
C THR A 123 9.85 -19.08 8.45
N LYS A 124 10.53 -18.18 7.75
CA LYS A 124 11.94 -17.87 7.96
C LYS A 124 12.20 -16.48 7.42
N GLY A 125 12.78 -15.61 8.25
CA GLY A 125 13.17 -14.30 7.82
C GLY A 125 14.37 -14.36 6.90
N PRO A 126 14.67 -13.25 6.25
CA PRO A 126 15.76 -13.23 5.26
C PRO A 126 17.12 -12.87 5.87
N SER A 127 18.16 -13.32 5.19
CA SER A 127 19.50 -12.75 5.31
C SER A 127 19.64 -11.66 4.26
N VAL A 128 20.30 -10.55 4.63
CA VAL A 128 20.43 -9.42 3.71
C VAL A 128 21.92 -9.19 3.41
N PHE A 129 22.30 -9.36 2.15
CA PHE A 129 23.71 -9.18 1.88
C PHE A 129 23.95 -7.97 0.99
N PRO A 130 25.05 -7.24 1.18
CA PRO A 130 25.29 -6.05 0.37
C PRO A 130 25.67 -6.40 -1.06
N LEU A 131 25.11 -5.65 -2.00
CA LEU A 131 25.57 -5.60 -3.39
C LEU A 131 26.38 -4.30 -3.53
N ALA A 132 27.74 -4.42 -3.42
CA ALA A 132 28.63 -3.28 -3.20
C ALA A 132 28.99 -2.61 -4.53
N PRO A 133 29.03 -1.27 -4.56
CA PRO A 133 29.35 -0.57 -5.80
C PRO A 133 30.78 -0.82 -6.23
N SER A 134 30.97 -0.92 -7.55
CA SER A 134 32.29 -1.14 -8.13
C SER A 134 33.25 0.02 -7.85
N SER A 135 34.53 -0.26 -8.12
CA SER A 135 35.61 0.73 -8.03
C SER A 135 36.03 1.22 -9.41
N GLY A 141 29.89 7.61 -14.72
CA GLY A 141 29.32 8.69 -13.90
C GLY A 141 28.16 8.22 -13.04
N THR A 142 27.71 6.98 -13.23
CA THR A 142 26.61 6.38 -12.49
C THR A 142 27.07 5.09 -11.83
N ALA A 143 26.72 4.90 -10.56
CA ALA A 143 27.11 3.71 -9.84
C ALA A 143 25.87 2.96 -9.40
N ALA A 144 25.98 1.64 -9.39
CA ALA A 144 24.89 0.76 -9.00
C ALA A 144 25.26 0.03 -7.72
N LEU A 145 24.30 -0.12 -6.83
CA LEU A 145 24.51 -0.85 -5.59
C LEU A 145 23.20 -1.49 -5.20
N GLY A 146 23.24 -2.37 -4.21
CA GLY A 146 22.00 -3.03 -3.90
C GLY A 146 22.06 -3.85 -2.62
N CYS A 147 20.97 -4.59 -2.40
CA CYS A 147 20.80 -5.55 -1.31
C CYS A 147 20.27 -6.84 -1.88
N LEU A 148 20.83 -7.95 -1.42
CA LEU A 148 20.35 -9.28 -1.78
C LEU A 148 19.57 -9.81 -0.60
N VAL A 149 18.26 -10.03 -0.79
CA VAL A 149 17.37 -10.49 0.25
C VAL A 149 17.19 -11.98 0.03
N LYS A 150 17.94 -12.79 0.77
CA LYS A 150 18.12 -14.19 0.42
C LYS A 150 17.49 -15.09 1.49
N ASP A 151 16.75 -16.10 1.00
CA ASP A 151 16.27 -17.23 1.79
C ASP A 151 15.19 -16.87 2.81
N TYR A 152 14.10 -16.26 2.34
CA TYR A 152 12.98 -15.97 3.21
C TYR A 152 11.77 -16.74 2.73
N PHE A 153 10.80 -16.94 3.64
CA PHE A 153 9.56 -17.62 3.31
C PHE A 153 8.54 -17.14 4.33
N PRO A 154 7.28 -16.88 3.93
CA PRO A 154 6.86 -16.80 2.53
C PRO A 154 6.98 -15.38 1.98
N GLU A 155 6.42 -15.16 0.79
CA GLU A 155 6.18 -13.81 0.31
C GLU A 155 5.17 -13.11 1.21
N PRO A 156 5.19 -11.77 1.26
CA PRO A 156 6.06 -10.86 0.52
C PRO A 156 7.11 -10.21 1.41
N VAL A 157 8.04 -9.48 0.77
CA VAL A 157 9.02 -8.65 1.45
C VAL A 157 8.84 -7.22 0.97
N THR A 158 9.15 -6.24 1.81
CA THR A 158 9.20 -4.85 1.35
C THR A 158 10.60 -4.31 1.55
N VAL A 159 11.05 -3.47 0.62
CA VAL A 159 12.36 -2.84 0.67
C VAL A 159 12.20 -1.37 0.36
N SER A 160 12.83 -0.53 1.15
CA SER A 160 13.04 0.87 0.79
C SER A 160 14.52 1.16 0.96
N TRP A 161 14.89 2.39 0.62
CA TRP A 161 16.27 2.86 0.68
C TRP A 161 16.32 4.14 1.51
N ASN A 162 17.27 4.17 2.45
CA ASN A 162 17.49 5.33 3.31
C ASN A 162 16.20 5.83 3.98
N SER A 163 15.42 4.88 4.52
CA SER A 163 14.18 5.17 5.22
C SER A 163 13.21 5.94 4.35
N GLY A 164 13.30 5.78 3.04
CA GLY A 164 12.40 6.44 2.13
C GLY A 164 12.95 7.69 1.46
N ALA A 165 14.10 8.20 1.89
CA ALA A 165 14.64 9.41 1.25
C ALA A 165 15.12 9.16 -0.17
N LEU A 166 15.35 7.90 -0.54
CA LEU A 166 15.93 7.53 -1.83
C LEU A 166 14.91 6.66 -2.55
N THR A 167 14.40 7.18 -3.66
CA THR A 167 13.36 6.49 -4.40
C THR A 167 13.72 6.45 -5.87
N SER A 168 14.40 7.50 -6.32
CA SER A 168 14.77 7.64 -7.72
C SER A 168 15.83 6.58 -8.08
N GLY A 169 15.53 5.76 -9.08
CA GLY A 169 16.46 4.75 -9.55
C GLY A 169 16.44 3.45 -8.76
N VAL A 170 15.51 3.28 -7.83
CA VAL A 170 15.34 2.05 -7.08
C VAL A 170 14.59 1.03 -7.94
N HIS A 171 15.13 -0.19 -8.03
CA HIS A 171 14.47 -1.32 -8.64
C HIS A 171 14.47 -2.46 -7.64
N THR A 172 13.30 -2.87 -7.19
CA THR A 172 13.13 -4.07 -6.39
C THR A 172 12.49 -5.15 -7.24
N PHE A 173 13.17 -6.27 -7.38
CA PHE A 173 12.81 -7.28 -8.36
C PHE A 173 11.81 -8.29 -7.80
N PRO A 174 10.98 -8.86 -8.67
CA PRO A 174 10.15 -9.98 -8.25
C PRO A 174 11.06 -11.05 -7.66
N ALA A 175 10.59 -11.66 -6.57
CA ALA A 175 11.34 -12.73 -5.94
C ALA A 175 11.43 -13.91 -6.89
N VAL A 176 12.46 -14.73 -6.71
CA VAL A 176 12.56 -16.03 -7.32
C VAL A 176 12.44 -17.05 -6.19
N LEU A 177 11.84 -18.18 -6.52
CA LEU A 177 11.66 -19.28 -5.57
C LEU A 177 12.77 -20.29 -5.85
N GLN A 178 13.66 -20.48 -4.88
CA GLN A 178 14.80 -21.36 -5.05
C GLN A 178 14.37 -22.81 -4.86
N SER A 179 15.17 -23.74 -5.40
CA SER A 179 14.85 -25.16 -5.23
C SER A 179 14.81 -25.57 -3.77
N SER A 180 15.46 -24.82 -2.89
CA SER A 180 15.30 -25.05 -1.46
C SER A 180 13.89 -24.78 -0.94
N GLY A 181 13.00 -24.19 -1.75
CA GLY A 181 11.70 -23.78 -1.26
C GLY A 181 11.69 -22.41 -0.61
N LEU A 182 12.83 -21.72 -0.56
CA LEU A 182 12.91 -20.38 -0.01
C LEU A 182 13.00 -19.36 -1.13
N TYR A 183 12.54 -18.14 -0.82
CA TYR A 183 12.53 -17.08 -1.81
C TYR A 183 13.80 -16.28 -1.73
N SER A 184 14.20 -15.73 -2.88
CA SER A 184 15.31 -14.78 -2.92
C SER A 184 14.96 -13.61 -3.83
N LEU A 185 15.51 -12.45 -3.50
CA LEU A 185 15.12 -11.19 -4.09
C LEU A 185 16.28 -10.21 -4.02
N SER A 186 16.41 -9.37 -5.05
CA SER A 186 17.41 -8.32 -5.04
C SER A 186 16.72 -6.98 -5.24
N SER A 187 17.29 -5.95 -4.61
CA SER A 187 16.83 -4.58 -4.72
C SER A 187 18.04 -3.70 -4.97
N VAL A 188 17.99 -2.89 -6.03
CA VAL A 188 19.13 -2.11 -6.48
C VAL A 188 18.73 -0.66 -6.66
N VAL A 189 19.73 0.22 -6.66
CA VAL A 189 19.52 1.63 -6.96
C VAL A 189 20.75 2.12 -7.71
N THR A 190 20.52 2.89 -8.75
CA THR A 190 21.64 3.56 -9.39
C THR A 190 21.72 4.98 -8.87
N VAL A 191 22.93 5.50 -8.82
CA VAL A 191 23.20 6.61 -7.93
C VAL A 191 24.37 7.35 -8.55
N PRO A 192 24.48 8.67 -8.38
CA PRO A 192 25.65 9.35 -8.93
C PRO A 192 26.91 8.86 -8.23
N SER A 193 27.90 8.49 -9.03
CA SER A 193 29.14 7.98 -8.46
C SER A 193 29.83 9.06 -7.66
N SER A 194 29.55 10.33 -7.97
CA SER A 194 30.12 11.44 -7.21
C SER A 194 29.71 11.41 -5.75
N SER A 195 28.69 10.62 -5.39
CA SER A 195 28.19 10.60 -4.02
C SER A 195 28.75 9.46 -3.16
N LEU A 196 29.54 8.53 -3.72
CA LEU A 196 29.90 7.30 -3.00
C LEU A 196 30.79 7.57 -1.79
N GLY A 197 31.58 8.64 -1.82
CA GLY A 197 32.41 8.96 -0.68
C GLY A 197 31.75 9.75 0.42
N THR A 198 30.52 10.25 0.23
CA THR A 198 29.87 11.06 1.27
C THR A 198 28.46 10.59 1.61
N GLN A 199 27.75 9.98 0.67
CA GLN A 199 26.37 9.62 0.92
C GLN A 199 26.32 8.20 1.44
N THR A 200 25.58 7.98 2.52
CA THR A 200 25.40 6.65 3.11
C THR A 200 24.16 5.99 2.52
N TYR A 201 24.29 4.72 2.15
CA TYR A 201 23.19 3.98 1.53
C TYR A 201 22.79 2.79 2.40
N ILE A 202 21.52 2.77 2.79
CA ILE A 202 20.96 1.74 3.65
C ILE A 202 19.69 1.22 3.01
N CYS A 203 19.59 -0.10 2.85
CA CYS A 203 18.36 -0.75 2.47
C CYS A 203 17.63 -1.22 3.70
N ASN A 204 16.36 -0.83 3.80
CA ASN A 204 15.48 -1.24 4.89
C ASN A 204 14.63 -2.38 4.38
N VAL A 205 14.81 -3.55 4.98
CA VAL A 205 14.09 -4.75 4.59
C VAL A 205 13.08 -5.05 5.69
N ASN A 206 11.85 -5.31 5.30
CA ASN A 206 10.83 -5.77 6.23
C ASN A 206 10.17 -7.03 5.66
N HIS A 207 10.23 -8.10 6.43
CA HIS A 207 9.57 -9.35 6.08
C HIS A 207 8.52 -9.57 7.15
N LYS A 208 7.32 -9.03 6.93
CA LYS A 208 6.29 -9.09 7.96
C LYS A 208 5.84 -10.49 8.35
N PRO A 209 5.72 -11.48 7.44
CA PRO A 209 5.33 -12.84 7.88
C PRO A 209 6.15 -13.42 9.01
N SER A 210 7.40 -13.00 9.18
CA SER A 210 8.25 -13.51 10.24
C SER A 210 8.61 -12.42 11.24
N ASN A 211 8.05 -11.23 11.07
CA ASN A 211 8.38 -10.08 11.89
C ASN A 211 9.90 -9.84 11.92
N THR A 212 10.56 -10.09 10.80
CA THR A 212 11.97 -9.74 10.66
C THR A 212 12.07 -8.36 10.04
N LYS A 213 13.01 -7.57 10.53
CA LYS A 213 13.19 -6.24 9.96
C LYS A 213 14.67 -5.95 10.01
N VAL A 214 15.29 -5.75 8.84
CA VAL A 214 16.74 -5.63 8.74
C VAL A 214 17.09 -4.33 8.02
N ASP A 215 18.12 -3.63 8.51
CA ASP A 215 18.61 -2.39 7.92
C ASP A 215 20.07 -2.64 7.57
N LYS A 216 20.37 -2.83 6.30
CA LYS A 216 21.72 -3.19 5.90
C LYS A 216 22.40 -1.98 5.28
N ARG A 217 23.61 -1.68 5.75
CA ARG A 217 24.44 -0.64 5.18
C ARG A 217 25.24 -1.21 4.02
N VAL A 218 25.28 -0.49 2.90
CA VAL A 218 25.96 -0.96 1.70
C VAL A 218 27.03 0.04 1.35
N GLU A 219 28.29 -0.37 1.46
CA GLU A 219 29.45 0.48 1.25
C GLU A 219 30.25 0.05 0.05
N PRO A 220 31.07 0.94 -0.51
CA PRO A 220 32.09 0.51 -1.47
C PRO A 220 33.06 -0.45 -0.78
N LYS A 221 33.69 -1.30 -1.59
CA LYS A 221 34.40 -2.47 -1.04
C LYS A 221 35.81 -2.11 -0.52
N SER A 222 36.68 -1.62 -1.41
CA SER A 222 38.02 -1.17 -1.00
C SER A 222 38.75 -0.58 -2.19
N GLU B 1 -14.55 -27.08 -22.63
CA GLU B 1 -14.69 -25.67 -22.29
C GLU B 1 -14.58 -24.75 -23.49
N ILE B 2 -15.13 -23.55 -23.34
CA ILE B 2 -14.96 -22.50 -24.33
C ILE B 2 -13.57 -21.92 -24.12
N VAL B 3 -12.74 -21.98 -25.16
CA VAL B 3 -11.37 -21.47 -25.09
C VAL B 3 -11.37 -20.09 -25.74
N LEU B 4 -10.81 -19.11 -25.03
CA LEU B 4 -10.66 -17.75 -25.55
C LEU B 4 -9.21 -17.56 -25.92
N THR B 5 -8.97 -17.07 -27.14
CA THR B 5 -7.62 -16.82 -27.64
C THR B 5 -7.48 -15.33 -27.92
N GLN B 6 -6.65 -14.67 -27.14
CA GLN B 6 -6.41 -13.25 -27.32
C GLN B 6 -5.20 -13.05 -28.21
N SER B 7 -5.16 -11.91 -28.88
CA SER B 7 -3.99 -11.57 -29.65
C SER B 7 -3.96 -10.05 -29.75
N PRO B 8 -2.76 -9.46 -29.88
CA PRO B 8 -1.45 -10.10 -29.77
C PRO B 8 -1.07 -10.40 -28.31
N ALA B 9 0.08 -11.01 -28.08
CA ALA B 9 0.56 -11.18 -26.72
C ALA B 9 0.92 -9.84 -26.11
N THR B 10 1.65 -9.03 -26.85
CA THR B 10 2.10 -7.73 -26.39
C THR B 10 1.82 -6.72 -27.49
N LEU B 11 1.32 -5.57 -27.08
CA LEU B 11 1.11 -4.47 -27.99
C LEU B 11 1.96 -3.31 -27.51
N SER B 12 2.87 -2.82 -28.35
CA SER B 12 3.81 -1.79 -27.95
C SER B 12 3.47 -0.49 -28.67
N LEU B 13 2.92 0.49 -27.93
CA LEU B 13 2.41 1.70 -28.54
C LEU B 13 2.72 2.90 -27.66
N SER B 14 2.56 4.08 -28.21
CA SER B 14 2.75 5.27 -27.40
C SER B 14 1.43 6.00 -27.20
N PRO B 15 1.35 6.88 -26.20
CA PRO B 15 0.11 7.64 -25.99
C PRO B 15 -0.34 8.38 -27.26
N GLY B 16 -1.64 8.42 -27.46
CA GLY B 16 -2.17 9.06 -28.63
C GLY B 16 -2.42 8.15 -29.80
N GLU B 17 -1.85 6.93 -29.78
CA GLU B 17 -2.06 5.97 -30.85
C GLU B 17 -3.31 5.15 -30.55
N ARG B 18 -3.81 4.48 -31.58
CA ARG B 18 -4.97 3.62 -31.43
C ARG B 18 -4.48 2.21 -31.12
N ALA B 19 -5.24 1.51 -30.27
CA ALA B 19 -4.94 0.15 -29.86
C ALA B 19 -6.12 -0.77 -30.15
N THR B 20 -5.86 -1.88 -30.84
CA THR B 20 -6.89 -2.86 -31.16
C THR B 20 -6.48 -4.19 -30.56
N LEU B 21 -7.36 -4.76 -29.72
CA LEU B 21 -7.08 -6.04 -29.06
C LEU B 21 -8.11 -7.07 -29.47
N SER B 22 -7.67 -8.31 -29.67
CA SER B 22 -8.59 -9.32 -30.18
C SER B 22 -8.79 -10.43 -29.17
N CYS B 23 -10.02 -10.95 -29.15
CA CYS B 23 -10.36 -12.10 -28.33
C CYS B 23 -11.29 -12.96 -29.18
N ARG B 24 -10.83 -14.15 -29.57
CA ARG B 24 -11.63 -15.07 -30.37
C ARG B 24 -12.02 -16.28 -29.53
N ALA B 25 -13.31 -16.61 -29.55
CA ALA B 25 -13.82 -17.75 -28.78
C ALA B 25 -13.96 -18.99 -29.66
N SER B 26 -13.70 -20.16 -29.05
CA SER B 26 -13.72 -21.45 -29.74
C SER B 26 -15.11 -21.90 -30.16
N GLN B 27 -16.17 -21.29 -29.65
CA GLN B 27 -17.53 -21.54 -30.11
C GLN B 27 -18.40 -20.34 -29.76
N SER B 28 -19.54 -20.23 -30.45
CA SER B 28 -20.34 -19.00 -30.35
C SER B 28 -20.78 -18.73 -28.92
N ILE B 29 -20.53 -17.51 -28.46
CA ILE B 29 -20.95 -17.07 -27.13
C ILE B 29 -21.93 -15.90 -27.23
N SER B 30 -22.50 -15.68 -28.40
CA SER B 30 -23.40 -14.56 -28.64
C SER B 30 -22.61 -13.29 -28.30
N SER B 31 -23.11 -12.42 -27.43
CA SER B 31 -22.40 -11.20 -27.06
C SER B 31 -21.87 -11.24 -25.63
N TYR B 32 -21.87 -12.42 -24.98
CA TYR B 32 -21.57 -12.57 -23.55
C TYR B 32 -20.06 -12.65 -23.30
N LEU B 33 -19.38 -11.56 -23.67
CA LEU B 33 -17.96 -11.36 -23.45
C LEU B 33 -17.73 -10.11 -22.61
N ALA B 34 -16.76 -10.17 -21.70
CA ALA B 34 -16.37 -9.01 -20.91
C ALA B 34 -14.87 -8.79 -20.99
N TRP B 35 -14.47 -7.53 -20.89
CA TRP B 35 -13.06 -7.15 -20.93
C TRP B 35 -12.68 -6.52 -19.59
N TYR B 36 -11.55 -6.96 -19.04
CA TYR B 36 -10.98 -6.44 -17.80
C TYR B 36 -9.58 -5.89 -18.05
N GLN B 37 -9.21 -4.90 -17.24
CA GLN B 37 -7.89 -4.27 -17.20
C GLN B 37 -7.22 -4.56 -15.87
N GLN B 38 -5.94 -4.91 -15.87
CA GLN B 38 -5.24 -5.20 -14.63
C GLN B 38 -3.87 -4.52 -14.63
N LYS B 39 -3.61 -3.73 -13.61
CA LYS B 39 -2.28 -3.14 -13.44
C LYS B 39 -1.50 -3.90 -12.40
N PRO B 40 -0.17 -3.76 -12.39
CA PRO B 40 0.63 -4.56 -11.45
C PRO B 40 0.26 -4.23 -10.02
N GLY B 41 0.08 -5.27 -9.23
CA GLY B 41 -0.32 -5.14 -7.84
C GLY B 41 -1.77 -4.88 -7.61
N GLN B 42 -2.62 -4.87 -8.64
CA GLN B 42 -4.03 -4.58 -8.43
C GLN B 42 -4.90 -5.73 -8.93
N ALA B 43 -6.12 -5.79 -8.41
CA ALA B 43 -7.12 -6.68 -8.95
C ALA B 43 -7.52 -6.22 -10.34
N PRO B 44 -7.99 -7.12 -11.19
CA PRO B 44 -8.60 -6.69 -12.45
C PRO B 44 -9.77 -5.73 -12.24
N ARG B 45 -10.03 -4.91 -13.25
CA ARG B 45 -11.09 -3.92 -13.22
C ARG B 45 -11.94 -4.07 -14.47
N LEU B 46 -13.26 -4.18 -14.29
CA LEU B 46 -14.17 -4.36 -15.41
C LEU B 46 -14.20 -3.12 -16.29
N LEU B 47 -14.08 -3.32 -17.60
CA LEU B 47 -14.14 -2.25 -18.58
C LEU B 47 -15.41 -2.33 -19.43
N ILE B 48 -15.65 -3.48 -20.07
CA ILE B 48 -16.75 -3.70 -21.00
C ILE B 48 -17.44 -5.00 -20.61
N TYR B 49 -18.77 -4.98 -20.62
CA TYR B 49 -19.56 -6.20 -20.49
C TYR B 49 -20.52 -6.32 -21.67
N ASP B 50 -20.95 -7.56 -21.92
CA ASP B 50 -21.85 -7.88 -23.03
C ASP B 50 -21.31 -7.34 -24.34
N ALA B 51 -20.02 -7.58 -24.56
CA ALA B 51 -19.31 -7.26 -25.80
C ALA B 51 -19.14 -5.76 -26.03
N SER B 52 -20.13 -4.93 -25.71
CA SER B 52 -20.17 -3.55 -26.21
C SER B 52 -20.48 -2.46 -25.20
N ASN B 53 -20.83 -2.78 -23.95
CA ASN B 53 -21.24 -1.77 -22.97
C ASN B 53 -20.10 -1.40 -22.04
N ARG B 54 -19.79 -0.11 -21.94
CA ARG B 54 -18.83 0.30 -20.92
C ARG B 54 -19.44 0.18 -19.53
N ALA B 55 -18.62 -0.20 -18.58
CA ALA B 55 -19.00 -0.09 -17.17
C ALA B 55 -19.05 1.39 -16.79
N THR B 56 -19.78 1.70 -15.72
CA THR B 56 -19.97 3.10 -15.34
C THR B 56 -18.63 3.77 -15.09
N GLY B 57 -18.44 4.95 -15.67
CA GLY B 57 -17.23 5.72 -15.46
C GLY B 57 -16.06 5.38 -16.36
N ILE B 58 -16.12 4.26 -17.07
CA ILE B 58 -15.06 3.89 -18.02
C ILE B 58 -15.08 4.92 -19.15
N PRO B 59 -13.94 5.50 -19.51
CA PRO B 59 -13.93 6.57 -20.53
C PRO B 59 -14.42 6.08 -21.89
N ALA B 60 -14.93 7.03 -22.68
CA ALA B 60 -15.54 6.73 -23.98
C ALA B 60 -14.52 6.27 -25.02
N ARG B 61 -13.23 6.52 -24.81
CA ARG B 61 -12.25 6.04 -25.78
C ARG B 61 -12.11 4.52 -25.74
N PHE B 62 -12.74 3.86 -24.78
CA PHE B 62 -12.79 2.40 -24.74
C PHE B 62 -14.04 1.95 -25.46
N SER B 63 -13.87 1.10 -26.48
CA SER B 63 -15.01 0.61 -27.24
C SER B 63 -14.89 -0.90 -27.47
N GLY B 64 -15.99 -1.60 -27.31
CA GLY B 64 -16.00 -3.02 -27.57
C GLY B 64 -16.96 -3.39 -28.67
N SER B 65 -16.53 -4.22 -29.61
CA SER B 65 -17.45 -4.75 -30.59
C SER B 65 -17.30 -6.26 -30.69
N GLY B 66 -18.26 -6.86 -31.39
CA GLY B 66 -18.24 -8.28 -31.65
C GLY B 66 -19.49 -9.02 -31.24
N SER B 67 -19.81 -10.10 -31.98
CA SER B 67 -20.84 -11.03 -31.55
C SER B 67 -20.62 -12.34 -32.26
N GLY B 68 -20.65 -13.43 -31.50
CA GLY B 68 -20.41 -14.77 -32.03
C GLY B 68 -19.11 -15.31 -31.48
N THR B 69 -18.06 -15.24 -32.31
CA THR B 69 -16.75 -15.74 -31.91
C THR B 69 -15.63 -14.69 -31.91
N ASP B 70 -15.76 -13.61 -32.70
CA ASP B 70 -14.68 -12.64 -32.87
C ASP B 70 -15.04 -11.35 -32.14
N PHE B 71 -14.17 -10.93 -31.26
CA PHE B 71 -14.42 -9.73 -30.48
C PHE B 71 -13.20 -8.83 -30.54
N THR B 72 -13.45 -7.54 -30.37
CA THR B 72 -12.42 -6.54 -30.52
C THR B 72 -12.59 -5.47 -29.46
N LEU B 73 -11.49 -5.13 -28.79
CA LEU B 73 -11.43 -3.98 -27.90
C LEU B 73 -10.55 -2.92 -28.56
N THR B 74 -11.07 -1.69 -28.61
CA THR B 74 -10.43 -0.56 -29.27
C THR B 74 -10.28 0.58 -28.29
N ILE B 75 -9.06 1.02 -28.08
CA ILE B 75 -8.80 2.26 -27.36
C ILE B 75 -8.36 3.26 -28.41
N SER B 76 -9.22 4.23 -28.70
CA SER B 76 -9.02 5.03 -29.91
C SER B 76 -7.82 5.97 -29.80
N SER B 77 -7.50 6.42 -28.58
CA SER B 77 -6.36 7.31 -28.38
C SER B 77 -5.84 7.10 -26.96
N LEU B 78 -4.71 6.38 -26.85
CA LEU B 78 -4.21 5.93 -25.57
C LEU B 78 -3.79 7.07 -24.67
N GLU B 79 -4.17 6.99 -23.41
CA GLU B 79 -3.64 7.79 -22.31
C GLU B 79 -2.63 7.00 -21.50
N PRO B 80 -1.75 7.70 -20.77
CA PRO B 80 -0.78 6.97 -19.92
C PRO B 80 -1.44 6.03 -18.92
N GLU B 81 -2.69 6.31 -18.50
CA GLU B 81 -3.44 5.43 -17.60
C GLU B 81 -3.83 4.09 -18.22
N ASP B 82 -3.80 3.93 -19.54
CA ASP B 82 -4.35 2.75 -20.21
C ASP B 82 -3.37 1.60 -20.33
N PHE B 83 -2.11 1.79 -20.00
CA PHE B 83 -1.11 0.76 -20.22
C PHE B 83 -1.15 -0.24 -19.08
N ALA B 84 -1.41 -1.50 -19.42
CA ALA B 84 -1.74 -2.56 -18.50
C ALA B 84 -1.99 -3.86 -19.24
N VAL B 85 -2.47 -4.87 -18.54
CA VAL B 85 -2.82 -6.16 -19.14
C VAL B 85 -4.33 -6.22 -19.30
N TYR B 86 -4.79 -6.71 -20.45
CA TYR B 86 -6.20 -6.78 -20.77
C TYR B 86 -6.60 -8.24 -20.94
N TYR B 87 -7.63 -8.65 -20.21
CA TYR B 87 -8.18 -9.99 -20.32
C TYR B 87 -9.60 -9.92 -20.86
N CYS B 88 -9.97 -10.90 -21.69
CA CYS B 88 -11.37 -11.14 -21.96
C CYS B 88 -11.87 -12.30 -21.10
N GLN B 89 -13.19 -12.34 -20.92
CA GLN B 89 -13.86 -13.39 -20.18
C GLN B 89 -15.19 -13.68 -20.86
N GLN B 90 -15.56 -14.95 -20.92
CA GLN B 90 -16.83 -15.36 -21.50
C GLN B 90 -17.76 -15.79 -20.37
N ARG B 91 -19.03 -15.47 -20.53
CA ARG B 91 -20.06 -15.87 -19.58
C ARG B 91 -21.24 -16.45 -20.33
N SER B 92 -20.95 -17.23 -21.37
CA SER B 92 -21.99 -18.01 -22.04
C SER B 92 -22.36 -19.23 -21.22
N ASN B 93 -21.36 -20.01 -20.83
CA ASN B 93 -21.59 -21.29 -20.20
C ASN B 93 -20.46 -21.58 -19.24
N TRP B 94 -20.76 -22.35 -18.19
CA TRP B 94 -19.73 -22.80 -17.28
C TRP B 94 -18.88 -23.90 -17.93
N PRO B 95 -17.57 -23.97 -17.62
CA PRO B 95 -16.85 -23.04 -16.74
C PRO B 95 -16.54 -21.71 -17.39
N LEU B 96 -16.64 -20.64 -16.61
CA LEU B 96 -16.23 -19.34 -17.12
C LEU B 96 -14.74 -19.37 -17.38
N THR B 97 -14.32 -18.82 -18.52
CA THR B 97 -12.93 -18.90 -18.94
C THR B 97 -12.46 -17.51 -19.33
N PHE B 98 -11.14 -17.33 -19.28
CA PHE B 98 -10.47 -16.08 -19.65
C PHE B 98 -9.52 -16.34 -20.80
N GLY B 99 -9.29 -15.32 -21.60
CA GLY B 99 -8.14 -15.33 -22.48
C GLY B 99 -6.85 -15.32 -21.70
N GLN B 100 -5.75 -15.56 -22.41
CA GLN B 100 -4.46 -15.56 -21.73
C GLN B 100 -4.00 -14.15 -21.37
N GLY B 101 -4.62 -13.12 -21.94
CA GLY B 101 -4.17 -11.77 -21.66
C GLY B 101 -3.31 -11.18 -22.75
N THR B 102 -3.54 -9.90 -23.01
CA THR B 102 -2.72 -9.08 -23.88
C THR B 102 -2.06 -8.00 -23.02
N ASN B 103 -0.75 -7.89 -23.12
CA ASN B 103 -0.01 -6.84 -22.44
C ASN B 103 0.11 -5.64 -23.36
N LEU B 104 -0.33 -4.48 -22.89
CA LEU B 104 -0.25 -3.22 -23.60
C LEU B 104 0.83 -2.38 -22.94
N GLU B 105 1.94 -2.23 -23.63
CA GLU B 105 3.12 -1.60 -23.06
C GLU B 105 3.45 -0.34 -23.86
N ILE B 106 4.17 0.58 -23.23
CA ILE B 106 4.55 1.83 -23.87
C ILE B 106 5.73 1.57 -24.80
N LYS B 107 5.60 1.98 -26.05
CA LYS B 107 6.73 1.95 -26.98
C LYS B 107 7.57 3.21 -26.75
N ARG B 108 8.85 3.02 -26.43
CA ARG B 108 9.83 4.10 -26.31
C ARG B 108 11.02 3.80 -27.22
N THR B 109 11.99 4.71 -27.26
CA THR B 109 13.21 4.45 -28.00
C THR B 109 13.94 3.26 -27.39
N VAL B 110 14.72 2.55 -28.21
CA VAL B 110 15.45 1.42 -27.66
C VAL B 110 16.60 1.97 -26.82
N ALA B 111 16.79 1.35 -25.65
CA ALA B 111 17.86 1.71 -24.75
C ALA B 111 18.61 0.42 -24.42
N ALA B 112 19.90 0.41 -24.69
CA ALA B 112 20.72 -0.72 -24.32
C ALA B 112 20.87 -0.77 -22.80
N PRO B 113 21.01 -1.95 -22.23
CA PRO B 113 21.11 -2.05 -20.77
C PRO B 113 22.48 -1.60 -20.27
N SER B 114 22.49 -1.00 -19.08
CA SER B 114 23.73 -0.77 -18.34
C SER B 114 23.96 -2.00 -17.48
N VAL B 115 25.13 -2.61 -17.60
CA VAL B 115 25.42 -3.89 -16.96
C VAL B 115 26.39 -3.68 -15.80
N PHE B 116 26.09 -4.30 -14.67
CA PHE B 116 26.92 -4.25 -13.46
C PHE B 116 27.02 -5.64 -12.88
N ILE B 117 28.22 -6.06 -12.46
CA ILE B 117 28.41 -7.35 -11.82
C ILE B 117 28.80 -7.15 -10.36
N PHE B 118 28.18 -7.93 -9.47
CA PHE B 118 28.43 -7.87 -8.04
C PHE B 118 28.92 -9.24 -7.59
N PRO B 119 30.13 -9.35 -7.07
CA PRO B 119 30.60 -10.63 -6.47
C PRO B 119 29.88 -10.91 -5.16
N PRO B 120 29.94 -12.15 -4.66
CA PRO B 120 29.28 -12.45 -3.38
C PRO B 120 29.95 -11.72 -2.23
N SER B 121 29.15 -11.34 -1.24
CA SER B 121 29.67 -10.62 -0.07
C SER B 121 30.59 -11.52 0.76
N ASP B 122 31.55 -10.88 1.44
CA ASP B 122 32.38 -11.62 2.39
C ASP B 122 31.50 -12.34 3.39
N GLU B 123 30.43 -11.68 3.84
CA GLU B 123 29.52 -12.28 4.82
C GLU B 123 28.80 -13.49 4.28
N GLN B 124 28.29 -13.44 3.04
CA GLN B 124 27.59 -14.62 2.56
C GLN B 124 28.52 -15.83 2.45
N LEU B 125 29.81 -15.58 2.20
CA LEU B 125 30.76 -16.68 2.06
C LEU B 125 30.96 -17.42 3.38
N LYS B 126 30.97 -16.70 4.49
CA LYS B 126 31.02 -17.34 5.80
C LYS B 126 29.90 -18.38 5.93
N SER B 127 28.75 -18.15 5.30
CA SER B 127 27.61 -19.06 5.37
C SER B 127 27.81 -20.33 4.55
N GLY B 128 28.73 -20.33 3.58
CA GLY B 128 28.94 -21.48 2.73
C GLY B 128 28.30 -21.43 1.35
N THR B 129 27.69 -20.30 0.96
CA THR B 129 27.09 -20.15 -0.35
C THR B 129 27.57 -18.84 -0.97
N ALA B 130 27.72 -18.84 -2.29
CA ALA B 130 28.10 -17.66 -3.05
C ALA B 130 27.00 -17.34 -4.06
N SER B 131 26.45 -16.15 -3.95
CA SER B 131 25.50 -15.64 -4.93
C SER B 131 26.17 -14.51 -5.71
N VAL B 132 26.34 -14.72 -7.02
CA VAL B 132 26.88 -13.70 -7.91
C VAL B 132 25.71 -13.08 -8.63
N VAL B 133 25.63 -11.77 -8.62
CA VAL B 133 24.46 -11.09 -9.16
C VAL B 133 24.91 -10.21 -10.30
N CYS B 134 24.12 -10.21 -11.36
CA CYS B 134 24.35 -9.39 -12.54
C CYS B 134 23.12 -8.56 -12.82
N LEU B 135 23.30 -7.26 -13.00
CA LEU B 135 22.20 -6.32 -13.15
C LEU B 135 22.19 -5.76 -14.57
N LEU B 136 21.03 -5.79 -15.22
CA LEU B 136 20.79 -5.14 -16.51
C LEU B 136 19.79 -4.01 -16.26
N ASN B 137 20.24 -2.76 -16.42
CA ASN B 137 19.48 -1.63 -15.91
C ASN B 137 18.86 -0.81 -17.03
N ASN B 138 17.56 -0.56 -16.93
CA ASN B 138 16.88 0.49 -17.71
C ASN B 138 17.05 0.28 -19.22
N PHE B 139 16.52 -0.82 -19.75
CA PHE B 139 16.60 -1.08 -21.18
C PHE B 139 15.21 -1.20 -21.81
N TYR B 140 15.18 -1.11 -23.15
CA TYR B 140 13.95 -1.31 -23.91
C TYR B 140 14.30 -1.75 -25.32
N PRO B 141 13.65 -2.77 -25.90
CA PRO B 141 12.49 -3.55 -25.43
C PRO B 141 12.86 -4.53 -24.32
N ARG B 142 11.86 -5.27 -23.83
CA ARG B 142 12.05 -6.08 -22.62
C ARG B 142 12.97 -7.27 -22.85
N GLU B 143 13.15 -7.72 -24.09
CA GLU B 143 13.93 -8.91 -24.34
C GLU B 143 15.42 -8.63 -24.17
N ALA B 144 16.04 -9.32 -23.22
CA ALA B 144 17.48 -9.24 -22.99
C ALA B 144 17.93 -10.63 -22.59
N LYS B 145 19.15 -10.97 -22.98
CA LYS B 145 19.69 -12.27 -22.65
C LYS B 145 20.92 -12.09 -21.77
N VAL B 146 20.98 -12.89 -20.71
CA VAL B 146 22.13 -12.95 -19.82
C VAL B 146 22.80 -14.30 -20.00
N GLN B 147 24.12 -14.31 -20.09
CA GLN B 147 24.86 -15.57 -20.17
C GLN B 147 25.95 -15.55 -19.12
N TRP B 148 25.98 -16.58 -18.27
CA TRP B 148 27.01 -16.69 -17.26
C TRP B 148 28.19 -17.52 -17.76
N LYS B 149 29.39 -17.05 -17.44
CA LYS B 149 30.64 -17.73 -17.77
C LYS B 149 31.51 -17.83 -16.52
N VAL B 150 31.81 -19.05 -16.09
CA VAL B 150 32.72 -19.29 -14.97
C VAL B 150 34.00 -19.89 -15.55
N ASP B 151 35.12 -19.18 -15.37
CA ASP B 151 36.40 -19.55 -15.99
C ASP B 151 36.22 -19.71 -17.50
N ASN B 152 35.44 -18.83 -18.09
CA ASN B 152 35.13 -18.78 -19.53
C ASN B 152 34.33 -19.97 -19.98
N ALA B 153 33.61 -20.63 -19.08
CA ALA B 153 32.77 -21.77 -19.41
C ALA B 153 31.31 -21.39 -19.28
N LEU B 154 30.54 -21.63 -20.35
CA LEU B 154 29.11 -21.37 -20.33
C LEU B 154 28.43 -22.18 -19.24
N GLN B 155 27.56 -21.51 -18.47
CA GLN B 155 26.88 -22.10 -17.32
C GLN B 155 25.42 -22.38 -17.67
N SER B 156 24.85 -23.36 -16.99
CA SER B 156 23.45 -23.70 -17.25
C SER B 156 22.86 -24.32 -16.00
N GLY B 157 21.59 -24.06 -15.76
CA GLY B 157 20.89 -24.67 -14.65
C GLY B 157 21.28 -24.21 -13.26
N ASN B 158 22.09 -23.15 -13.15
CA ASN B 158 22.52 -22.66 -11.83
C ASN B 158 22.29 -21.16 -11.70
N SER B 159 21.36 -20.60 -12.48
CA SER B 159 21.02 -19.19 -12.40
C SER B 159 19.50 -19.01 -12.45
N GLN B 160 19.03 -17.93 -11.82
CA GLN B 160 17.62 -17.52 -11.84
C GLN B 160 17.55 -16.02 -12.12
N GLU B 161 16.55 -15.62 -12.90
CA GLU B 161 16.31 -14.25 -13.33
C GLU B 161 14.95 -13.76 -12.88
N SER B 162 14.78 -12.45 -12.86
CA SER B 162 13.47 -11.81 -12.80
C SER B 162 13.60 -10.43 -13.41
N VAL B 163 12.48 -9.90 -13.92
CA VAL B 163 12.47 -8.65 -14.67
C VAL B 163 11.40 -7.75 -14.06
N THR B 164 11.72 -6.47 -13.89
CA THR B 164 10.73 -5.57 -13.29
C THR B 164 9.64 -5.21 -14.29
N GLU B 165 8.56 -4.63 -13.75
CA GLU B 165 7.52 -4.04 -14.57
C GLU B 165 8.05 -2.79 -15.25
N GLN B 166 7.41 -2.41 -16.35
CA GLN B 166 7.83 -1.23 -17.08
C GLN B 166 7.82 -0.01 -16.17
N ASP B 167 8.95 0.70 -16.13
CA ASP B 167 9.10 1.88 -15.30
C ASP B 167 8.10 3.00 -15.64
N SER B 168 7.51 3.59 -14.60
CA SER B 168 6.50 4.62 -14.73
C SER B 168 7.05 5.91 -15.33
N LYS B 169 8.33 6.21 -15.12
CA LYS B 169 8.92 7.46 -15.56
C LYS B 169 9.64 7.33 -16.90
N ASP B 170 10.52 6.34 -17.05
CA ASP B 170 11.29 6.25 -18.28
C ASP B 170 10.90 5.09 -19.19
N SER B 171 9.91 4.26 -18.80
CA SER B 171 9.32 3.23 -19.66
C SER B 171 10.30 2.11 -20.01
N THR B 172 11.32 1.90 -19.21
CA THR B 172 12.30 0.85 -19.42
C THR B 172 12.01 -0.33 -18.50
N TYR B 173 12.74 -1.42 -18.76
CA TYR B 173 12.74 -2.62 -17.93
C TYR B 173 14.12 -2.79 -17.34
N SER B 174 14.20 -3.51 -16.22
CA SER B 174 15.46 -3.91 -15.63
C SER B 174 15.42 -5.42 -15.35
N LEU B 175 16.58 -6.04 -15.27
CA LEU B 175 16.68 -7.49 -15.08
C LEU B 175 17.77 -7.82 -14.06
N SER B 176 17.47 -8.76 -13.18
CA SER B 176 18.39 -9.24 -12.15
C SER B 176 18.58 -10.75 -12.29
N SER B 177 19.81 -11.17 -12.55
CA SER B 177 20.16 -12.60 -12.64
C SER B 177 21.12 -13.00 -11.51
N THR B 178 20.81 -14.10 -10.83
CA THR B 178 21.63 -14.61 -9.73
C THR B 178 22.23 -15.95 -10.13
N LEU B 179 23.55 -16.03 -10.10
CA LEU B 179 24.27 -17.29 -10.26
C LEU B 179 24.62 -17.77 -8.86
N THR B 180 24.19 -18.99 -8.54
CA THR B 180 24.44 -19.55 -7.22
C THR B 180 25.42 -20.71 -7.31
N LEU B 181 26.47 -20.64 -6.52
CA LEU B 181 27.41 -21.73 -6.34
C LEU B 181 27.61 -22.00 -4.86
N SER B 182 27.95 -23.25 -4.54
CA SER B 182 28.47 -23.52 -3.21
C SER B 182 29.75 -22.71 -3.00
N LYS B 183 30.05 -22.44 -1.74
CA LYS B 183 31.32 -21.77 -1.42
C LYS B 183 32.50 -22.52 -2.02
N ALA B 184 32.52 -23.85 -1.87
CA ALA B 184 33.65 -24.63 -2.37
C ALA B 184 33.81 -24.46 -3.88
N ASP B 185 32.72 -24.65 -4.62
CA ASP B 185 32.78 -24.50 -6.07
C ASP B 185 33.18 -23.10 -6.46
N TYR B 186 32.72 -22.10 -5.70
CA TYR B 186 33.07 -20.72 -5.99
C TYR B 186 34.57 -20.50 -5.90
N GLU B 187 35.23 -21.13 -4.91
CA GLU B 187 36.66 -20.90 -4.73
C GLU B 187 37.52 -21.81 -5.60
N LYS B 188 36.93 -22.76 -6.32
CA LYS B 188 37.59 -23.54 -7.34
C LYS B 188 37.68 -22.84 -8.70
N HIS B 189 37.29 -21.57 -8.81
CA HIS B 189 37.35 -20.89 -10.10
C HIS B 189 37.74 -19.45 -9.86
N LYS B 190 38.31 -18.84 -10.90
CA LYS B 190 38.85 -17.49 -10.81
C LYS B 190 37.97 -16.44 -11.48
N VAL B 191 37.57 -16.66 -12.74
CA VAL B 191 36.94 -15.64 -13.58
C VAL B 191 35.42 -15.76 -13.55
N TYR B 192 34.73 -14.69 -13.17
CA TYR B 192 33.28 -14.66 -13.15
C TYR B 192 32.77 -13.57 -14.08
N ALA B 193 31.90 -13.93 -15.02
CA ALA B 193 31.55 -13.03 -16.10
C ALA B 193 30.06 -13.06 -16.41
N CYS B 194 29.52 -11.89 -16.67
CA CYS B 194 28.13 -11.70 -17.03
C CYS B 194 28.10 -11.11 -18.44
N GLU B 195 27.49 -11.83 -19.38
CA GLU B 195 27.49 -11.44 -20.78
C GLU B 195 26.07 -11.15 -21.23
N VAL B 196 25.87 -9.97 -21.82
CA VAL B 196 24.54 -9.42 -22.07
C VAL B 196 24.40 -9.17 -23.56
N THR B 197 23.26 -9.57 -24.12
CA THR B 197 22.88 -9.23 -25.50
C THR B 197 21.48 -8.63 -25.53
N HIS B 198 21.27 -7.71 -26.46
CA HIS B 198 20.06 -6.91 -26.50
C HIS B 198 19.98 -6.22 -27.85
N GLN B 199 18.75 -5.91 -28.29
CA GLN B 199 18.58 -5.23 -29.58
C GLN B 199 19.35 -3.92 -29.66
N GLY B 200 19.56 -3.25 -28.53
CA GLY B 200 20.26 -1.99 -28.48
C GLY B 200 21.76 -2.06 -28.47
N LEU B 201 22.32 -3.27 -28.44
CA LEU B 201 23.75 -3.50 -28.46
C LEU B 201 24.11 -4.20 -29.77
N SER B 202 25.07 -3.65 -30.51
CA SER B 202 25.47 -4.35 -31.74
C SER B 202 26.42 -5.51 -31.47
N SER B 203 26.99 -5.62 -30.27
CA SER B 203 27.79 -6.77 -29.89
C SER B 203 27.67 -6.95 -28.38
N PRO B 204 27.94 -8.16 -27.87
CA PRO B 204 27.74 -8.43 -26.44
C PRO B 204 28.54 -7.51 -25.52
N VAL B 205 27.94 -7.20 -24.38
CA VAL B 205 28.61 -6.47 -23.32
C VAL B 205 28.95 -7.48 -22.24
N THR B 206 30.21 -7.52 -21.83
CA THR B 206 30.67 -8.39 -20.76
C THR B 206 31.14 -7.58 -19.56
N LYS B 207 30.70 -8.00 -18.38
CA LYS B 207 31.19 -7.50 -17.10
C LYS B 207 31.71 -8.69 -16.31
N SER B 208 32.91 -8.56 -15.74
CA SER B 208 33.54 -9.69 -15.08
C SER B 208 34.29 -9.24 -13.83
N PHE B 209 34.68 -10.23 -13.01
CA PHE B 209 35.63 -10.01 -11.93
C PHE B 209 36.42 -11.30 -11.73
N ASN B 210 37.63 -11.15 -11.18
CA ASN B 210 38.44 -12.30 -10.78
C ASN B 210 38.43 -12.37 -9.27
N ARG B 211 37.98 -13.50 -8.73
CA ARG B 211 37.84 -13.69 -7.29
C ARG B 211 39.12 -13.33 -6.54
N GLY B 212 39.03 -12.33 -5.66
CA GLY B 212 40.20 -11.76 -4.99
C GLY B 212 40.48 -10.37 -5.56
N GLU B 213 39.68 -9.39 -5.12
CA GLU B 213 39.65 -8.03 -5.66
C GLU B 213 40.41 -6.99 -4.81
N VAL C 2 2.76 -16.53 13.49
CA VAL C 2 1.36 -16.22 13.77
C VAL C 2 0.90 -15.03 12.92
N GLN C 3 -0.33 -15.10 12.41
CA GLN C 3 -0.89 -14.08 11.55
C GLN C 3 -2.28 -13.68 12.04
N LEU C 4 -2.58 -12.39 11.98
CA LEU C 4 -3.87 -11.85 12.37
C LEU C 4 -4.63 -11.39 11.12
N GLN C 5 -5.93 -11.64 11.10
CA GLN C 5 -6.79 -11.01 10.10
C GLN C 5 -8.00 -10.46 10.81
N GLN C 6 -8.49 -9.31 10.34
CA GLN C 6 -9.72 -8.75 10.86
C GLN C 6 -10.61 -8.33 9.71
N TRP C 7 -11.92 -8.34 9.95
CA TRP C 7 -12.92 -7.97 8.96
C TRP C 7 -14.15 -7.46 9.69
N GLY C 8 -15.03 -6.84 8.93
CA GLY C 8 -16.25 -6.27 9.46
C GLY C 8 -16.65 -5.05 8.66
N ALA C 9 -17.94 -4.72 8.72
CA ALA C 9 -18.45 -3.59 7.95
C ALA C 9 -17.92 -2.29 8.53
N GLY C 10 -17.33 -1.46 7.66
CA GLY C 10 -16.70 -0.25 8.15
C GLY C 10 -17.52 1.02 7.97
N LEU C 11 -18.57 0.97 7.16
CA LEU C 11 -19.38 2.13 6.86
C LEU C 11 -20.71 2.01 7.59
N LEU C 12 -20.99 2.95 8.50
CA LEU C 12 -22.17 2.89 9.35
C LEU C 12 -22.88 4.24 9.38
N LYS C 13 -24.17 4.20 9.65
CA LYS C 13 -25.05 5.33 9.92
C LYS C 13 -25.17 5.51 11.41
N PRO C 14 -25.44 6.71 11.89
CA PRO C 14 -25.57 6.90 13.35
C PRO C 14 -26.65 5.98 13.94
N SER C 15 -26.35 5.44 15.14
CA SER C 15 -27.15 4.53 15.96
C SER C 15 -27.18 3.08 15.46
N GLU C 16 -26.46 2.72 14.40
CA GLU C 16 -26.29 1.31 14.08
C GLU C 16 -25.35 0.65 15.09
N THR C 17 -25.13 -0.65 14.89
CA THR C 17 -24.28 -1.45 15.77
C THR C 17 -23.07 -1.90 14.97
N LEU C 18 -21.89 -1.40 15.35
CA LEU C 18 -20.65 -1.86 14.77
C LEU C 18 -20.40 -3.31 15.16
N SER C 19 -19.84 -4.09 14.24
CA SER C 19 -19.52 -5.49 14.51
C SER C 19 -18.23 -5.85 13.77
N LEU C 20 -17.17 -6.13 14.53
CA LEU C 20 -15.90 -6.53 13.95
C LEU C 20 -15.53 -7.93 14.45
N THR C 21 -14.66 -8.59 13.70
CA THR C 21 -14.14 -9.90 14.06
C THR C 21 -12.65 -9.94 13.79
N CYS C 22 -11.96 -10.72 14.58
CA CYS C 22 -10.52 -10.90 14.41
C CYS C 22 -10.21 -12.38 14.52
N ALA C 23 -9.32 -12.86 13.66
CA ALA C 23 -8.97 -14.26 13.64
C ALA C 23 -7.46 -14.40 13.80
N VAL C 24 -7.04 -15.49 14.42
CA VAL C 24 -5.62 -15.78 14.57
C VAL C 24 -5.30 -17.10 13.86
N TYR C 25 -4.15 -17.13 13.16
CA TYR C 25 -3.64 -18.34 12.53
C TYR C 25 -2.17 -18.51 12.91
N GLY C 26 -1.76 -19.75 13.15
CA GLY C 26 -0.38 -20.02 13.53
C GLY C 26 -0.26 -20.90 14.76
N PHE C 29 -1.04 -21.48 21.38
CA PHE C 29 -0.63 -20.78 22.60
C PHE C 29 -1.72 -20.78 23.68
N SER C 30 -1.29 -20.91 24.94
CA SER C 30 -2.22 -21.18 26.05
C SER C 30 -2.53 -19.94 26.87
N ASP C 31 -1.60 -19.01 27.06
CA ASP C 31 -1.95 -17.73 27.67
C ASP C 31 -1.90 -16.65 26.59
N TYR C 32 -3.05 -16.01 26.38
CA TYR C 32 -3.29 -15.08 25.31
C TYR C 32 -4.12 -13.92 25.86
N TYR C 33 -4.08 -12.80 25.16
CA TYR C 33 -4.71 -11.57 25.61
C TYR C 33 -5.25 -10.87 24.37
N TRP C 34 -6.53 -11.09 24.07
CA TRP C 34 -7.20 -10.48 22.94
C TRP C 34 -7.64 -9.07 23.31
N ASN C 35 -7.25 -8.08 22.51
CA ASN C 35 -7.59 -6.69 22.81
C ASN C 35 -8.15 -6.02 21.56
N TRP C 36 -9.03 -5.03 21.79
CA TRP C 36 -9.47 -4.11 20.76
C TRP C 36 -9.02 -2.70 21.15
N ILE C 37 -8.39 -1.99 20.20
CA ILE C 37 -7.97 -0.61 20.38
C ILE C 37 -8.42 0.16 19.15
N ARG C 38 -8.70 1.44 19.34
CA ARG C 38 -9.15 2.27 18.22
C ARG C 38 -8.40 3.59 18.23
N GLN C 39 -8.27 4.17 17.03
CA GLN C 39 -7.50 5.39 16.84
C GLN C 39 -8.23 6.30 15.85
N PRO C 40 -8.90 7.34 16.33
CA PRO C 40 -9.52 8.32 15.42
C PRO C 40 -8.45 8.98 14.57
N PRO C 41 -8.82 9.55 13.42
CA PRO C 41 -7.80 10.15 12.55
C PRO C 41 -7.12 11.32 13.25
N GLY C 42 -5.78 11.32 13.20
CA GLY C 42 -4.95 12.34 13.79
C GLY C 42 -4.91 12.37 15.30
N LYS C 43 -5.29 11.29 15.98
CA LYS C 43 -5.38 11.21 17.44
C LYS C 43 -4.57 10.02 17.96
N GLY C 44 -4.59 9.84 19.27
CA GLY C 44 -3.86 8.78 19.93
C GLY C 44 -4.67 7.50 20.05
N LEU C 45 -4.17 6.58 20.86
CA LEU C 45 -4.76 5.27 21.03
C LEU C 45 -5.77 5.27 22.17
N GLU C 46 -6.90 4.61 21.95
CA GLU C 46 -7.90 4.43 23.01
C GLU C 46 -8.27 2.96 23.13
N TRP C 47 -7.98 2.38 24.28
CA TRP C 47 -8.30 0.98 24.51
C TRP C 47 -9.82 0.76 24.59
N ILE C 48 -10.29 -0.35 24.01
CA ILE C 48 -11.70 -0.67 23.96
C ILE C 48 -12.05 -1.80 24.92
N GLY C 49 -11.38 -2.95 24.79
CA GLY C 49 -11.69 -4.07 25.64
C GLY C 49 -10.70 -5.21 25.46
N GLU C 50 -10.74 -6.14 26.42
CA GLU C 50 -9.86 -7.30 26.44
C GLU C 50 -10.62 -8.54 26.87
N ILE C 51 -10.34 -9.66 26.23
CA ILE C 51 -10.66 -10.98 26.76
C ILE C 51 -9.35 -11.75 26.88
N ASN C 52 -9.03 -12.25 28.09
CA ASN C 52 -7.77 -12.98 28.28
C ASN C 52 -8.03 -14.47 28.49
N HIS C 53 -6.95 -15.25 28.62
CA HIS C 53 -7.02 -16.72 28.63
C HIS C 53 -7.70 -17.28 29.88
N ASN C 54 -7.82 -16.47 30.96
CA ASN C 54 -8.58 -16.83 32.16
C ASN C 54 -10.07 -16.57 32.02
N GLY C 55 -10.50 -15.93 30.93
CA GLY C 55 -11.88 -15.54 30.78
C GLY C 55 -12.20 -14.19 31.37
N ASN C 56 -11.20 -13.48 31.93
CA ASN C 56 -11.41 -12.09 32.33
C ASN C 56 -11.90 -11.32 31.11
N THR C 57 -12.92 -10.49 31.30
CA THR C 57 -13.51 -9.69 30.23
C THR C 57 -13.69 -8.27 30.74
N ASN C 58 -13.11 -7.30 30.05
CA ASN C 58 -13.21 -5.92 30.51
C ASN C 58 -13.38 -4.97 29.33
N SER C 59 -14.09 -3.87 29.59
CA SER C 59 -14.43 -2.87 28.61
C SER C 59 -14.06 -1.49 29.12
N ASN C 60 -13.74 -0.60 28.21
CA ASN C 60 -13.47 0.77 28.60
C ASN C 60 -14.74 1.41 29.16
N PRO C 61 -14.70 1.92 30.39
CA PRO C 61 -15.90 2.55 30.97
C PRO C 61 -16.44 3.72 30.15
N SER C 62 -15.58 4.41 29.40
CA SER C 62 -16.07 5.51 28.55
C SER C 62 -17.00 5.02 27.45
N LEU C 63 -16.89 3.75 27.07
CA LEU C 63 -17.84 3.13 26.15
C LEU C 63 -19.05 2.58 26.89
N LYS C 64 -19.12 2.84 28.20
CA LYS C 64 -20.35 2.69 29.01
C LYS C 64 -20.85 1.26 28.81
N SER C 65 -22.09 1.07 28.39
CA SER C 65 -22.64 -0.27 28.18
C SER C 65 -22.80 -0.63 26.71
N ARG C 66 -22.12 0.07 25.79
CA ARG C 66 -22.32 -0.23 24.38
C ARG C 66 -21.47 -1.38 23.86
N VAL C 67 -20.53 -1.91 24.64
CA VAL C 67 -19.58 -2.91 24.16
C VAL C 67 -20.09 -4.30 24.51
N THR C 68 -19.88 -5.25 23.58
CA THR C 68 -19.94 -6.67 23.87
C THR C 68 -18.71 -7.33 23.26
N LEU C 69 -17.93 -8.02 24.07
CA LEU C 69 -16.80 -8.79 23.58
C LEU C 69 -17.15 -10.27 23.57
N SER C 70 -16.66 -11.01 22.58
CA SER C 70 -16.89 -12.43 22.58
C SER C 70 -15.76 -13.13 21.86
N LEU C 71 -15.47 -14.35 22.33
CA LEU C 71 -14.36 -15.14 21.84
C LEU C 71 -14.88 -16.54 21.60
N ASP C 72 -14.88 -16.96 20.34
CA ASP C 72 -15.13 -18.35 19.98
C ASP C 72 -13.79 -19.06 19.93
N THR C 73 -13.50 -19.88 20.95
CA THR C 73 -12.21 -20.56 20.98
C THR C 73 -12.12 -21.71 19.99
N SER C 74 -13.24 -22.20 19.44
CA SER C 74 -13.16 -23.22 18.40
C SER C 74 -12.64 -22.63 17.09
N LYS C 75 -13.24 -21.54 16.61
CA LYS C 75 -12.77 -20.87 15.40
C LYS C 75 -11.56 -19.96 15.67
N ASN C 76 -11.23 -19.71 16.93
CA ASN C 76 -10.16 -18.76 17.30
C ASN C 76 -10.47 -17.36 16.76
N GLN C 77 -11.70 -16.93 17.01
CA GLN C 77 -12.23 -15.67 16.48
C GLN C 77 -12.68 -14.76 17.61
N PHE C 78 -12.05 -13.61 17.71
CA PHE C 78 -12.36 -12.59 18.70
C PHE C 78 -13.22 -11.52 18.04
N SER C 79 -14.38 -11.24 18.60
CA SER C 79 -15.27 -10.31 17.92
C SER C 79 -15.63 -9.14 18.82
N LEU C 80 -16.08 -8.05 18.19
CA LEU C 80 -16.46 -6.83 18.89
C LEU C 80 -17.81 -6.35 18.40
N LYS C 81 -18.68 -5.98 19.31
CA LYS C 81 -19.91 -5.26 18.97
C LYS C 81 -19.87 -3.93 19.71
N LEU C 82 -20.18 -2.84 19.00
CA LEU C 82 -20.29 -1.51 19.59
C LEU C 82 -21.65 -0.93 19.21
N ARG C 83 -22.51 -0.77 20.19
CA ARG C 83 -23.89 -0.38 19.95
C ARG C 83 -24.05 1.14 19.91
N SER C 84 -25.11 1.58 19.22
CA SER C 84 -25.53 2.99 19.23
C SER C 84 -24.40 3.91 18.81
N VAL C 85 -23.80 3.64 17.65
CA VAL C 85 -22.62 4.40 17.26
C VAL C 85 -23.02 5.82 16.83
N THR C 86 -22.17 6.78 17.16
CA THR C 86 -22.25 8.15 16.66
C THR C 86 -20.95 8.48 15.92
N ALA C 87 -20.91 9.70 15.36
CA ALA C 87 -19.73 10.15 14.62
C ALA C 87 -18.48 10.12 15.49
N ALA C 88 -18.63 10.26 16.80
CA ALA C 88 -17.52 10.19 17.74
C ALA C 88 -16.82 8.84 17.72
N ASP C 89 -17.42 7.82 17.11
CA ASP C 89 -16.82 6.49 17.03
C ASP C 89 -16.05 6.27 15.75
N THR C 90 -15.95 7.26 14.86
CA THR C 90 -15.12 7.13 13.68
C THR C 90 -13.67 6.91 14.09
N ALA C 91 -13.09 5.80 13.65
CA ALA C 91 -11.71 5.48 13.98
C ALA C 91 -11.27 4.28 13.17
N VAL C 92 -9.96 4.06 13.17
CA VAL C 92 -9.40 2.78 12.80
C VAL C 92 -9.44 1.90 14.03
N TYR C 93 -10.03 0.72 13.91
CA TYR C 93 -10.16 -0.21 15.01
C TYR C 93 -9.12 -1.31 14.81
N TYR C 94 -8.21 -1.45 15.78
CA TYR C 94 -7.15 -2.44 15.70
C TYR C 94 -7.46 -3.63 16.60
N CYS C 95 -7.19 -4.81 16.07
CA CYS C 95 -7.17 -6.05 16.82
C CYS C 95 -5.75 -6.34 17.27
N ALA C 96 -5.60 -6.77 18.53
CA ALA C 96 -4.30 -7.13 19.09
C ALA C 96 -4.35 -8.50 19.73
N PHE C 97 -3.33 -9.31 19.46
CA PHE C 97 -3.26 -10.66 20.00
C PHE C 97 -1.98 -10.80 20.82
N GLY C 98 -2.05 -10.52 22.11
CA GLY C 98 -0.90 -10.68 22.99
C GLY C 98 -0.82 -12.11 23.48
N TYR C 99 0.40 -12.63 23.52
CA TYR C 99 0.62 -14.01 23.98
C TYR C 99 2.08 -14.19 24.38
N SER C 100 2.35 -15.31 25.05
CA SER C 100 3.72 -15.74 25.31
C SER C 100 3.98 -17.14 24.77
N ASP C 101 5.22 -17.40 24.39
CA ASP C 101 5.63 -18.69 23.85
C ASP C 101 6.17 -19.57 25.00
N TYR C 102 6.75 -20.72 24.65
CA TYR C 102 7.25 -21.70 25.60
C TYR C 102 8.41 -21.19 26.43
N GLU C 103 8.91 -19.98 26.18
CA GLU C 103 10.14 -19.51 26.78
C GLU C 103 9.93 -18.19 27.52
N TYR C 104 8.67 -17.84 27.82
CA TYR C 104 8.28 -16.60 28.48
C TYR C 104 8.54 -15.37 27.62
N ASN C 105 8.73 -15.54 26.31
CA ASN C 105 8.84 -14.40 25.43
C ASN C 105 7.45 -13.89 25.09
N TRP C 106 7.27 -12.59 25.21
CA TRP C 106 5.98 -11.97 25.00
C TRP C 106 5.93 -11.36 23.61
N PHE C 107 4.77 -11.49 22.96
CA PHE C 107 4.52 -10.98 21.63
C PHE C 107 3.16 -10.29 21.64
N ASP C 108 3.02 -9.23 20.85
CA ASP C 108 1.75 -8.51 20.78
C ASP C 108 1.55 -7.95 19.38
N PRO C 109 1.34 -8.80 18.39
CA PRO C 109 1.02 -8.30 17.04
C PRO C 109 -0.33 -7.59 16.99
N TRP C 110 -0.38 -6.46 16.29
CA TRP C 110 -1.64 -5.81 16.00
C TRP C 110 -2.06 -6.08 14.56
N GLY C 111 -3.37 -6.15 14.34
CA GLY C 111 -3.91 -6.32 13.01
C GLY C 111 -3.74 -5.07 12.18
N GLN C 112 -4.22 -5.13 10.95
CA GLN C 112 -4.06 -3.97 10.08
C GLN C 112 -5.08 -2.89 10.38
N GLY C 113 -6.15 -3.23 11.08
CA GLY C 113 -7.14 -2.23 11.40
C GLY C 113 -8.19 -2.05 10.32
N THR C 114 -9.41 -1.85 10.76
CA THR C 114 -10.52 -1.51 9.90
C THR C 114 -10.88 -0.04 10.13
N LEU C 115 -10.88 0.74 9.06
CA LEU C 115 -11.40 2.10 9.18
C LEU C 115 -12.91 2.01 9.29
N VAL C 116 -13.46 2.56 10.37
CA VAL C 116 -14.89 2.60 10.60
C VAL C 116 -15.32 4.07 10.53
N THR C 117 -16.27 4.38 9.65
CA THR C 117 -16.77 5.74 9.50
C THR C 117 -18.24 5.81 9.90
N VAL C 118 -18.55 6.58 10.94
CA VAL C 118 -19.93 6.73 11.39
C VAL C 118 -20.40 8.12 10.99
N SER C 119 -21.32 8.18 10.04
CA SER C 119 -21.80 9.44 9.52
C SER C 119 -23.17 9.22 8.86
N SER C 120 -23.94 10.30 8.81
CA SER C 120 -25.21 10.25 8.11
C SER C 120 -25.06 10.41 6.60
N ALA C 121 -23.89 10.84 6.13
CA ALA C 121 -23.65 11.07 4.71
C ALA C 121 -23.74 9.76 3.93
N SER C 122 -23.86 9.90 2.61
CA SER C 122 -23.92 8.76 1.72
C SER C 122 -22.70 8.78 0.82
N THR C 123 -22.27 7.58 0.43
CA THR C 123 -21.08 7.44 -0.40
C THR C 123 -21.19 8.34 -1.62
N LYS C 124 -20.11 9.07 -1.91
CA LYS C 124 -20.14 10.10 -2.94
C LYS C 124 -18.72 10.28 -3.45
N GLY C 125 -18.55 10.20 -4.78
CA GLY C 125 -17.27 10.44 -5.39
C GLY C 125 -16.94 11.91 -5.37
N PRO C 126 -15.67 12.25 -5.58
CA PRO C 126 -15.26 13.65 -5.47
C PRO C 126 -15.40 14.42 -6.77
N SER C 127 -15.49 15.74 -6.60
CA SER C 127 -15.23 16.67 -7.68
C SER C 127 -13.76 17.08 -7.63
N VAL C 128 -13.13 17.19 -8.80
CA VAL C 128 -11.70 17.48 -8.90
C VAL C 128 -11.54 18.80 -9.64
N PHE C 129 -10.91 19.77 -8.99
CA PHE C 129 -10.71 21.08 -9.57
C PHE C 129 -9.22 21.38 -9.69
N PRO C 130 -8.79 22.07 -10.74
CA PRO C 130 -7.38 22.41 -10.89
C PRO C 130 -6.97 23.53 -9.93
N LEU C 131 -5.81 23.35 -9.32
CA LEU C 131 -5.10 24.43 -8.65
C LEU C 131 -4.08 24.89 -9.70
N ALA C 132 -4.47 25.94 -10.44
CA ALA C 132 -3.78 26.24 -11.69
C ALA C 132 -2.50 27.02 -11.41
N PRO C 133 -1.41 26.69 -12.10
CA PRO C 133 -0.17 27.46 -11.92
C PRO C 133 -0.28 28.81 -12.62
N SER C 134 0.32 29.82 -12.00
CA SER C 134 0.36 31.16 -12.59
C SER C 134 1.81 31.65 -12.62
N SER C 135 2.03 32.72 -13.38
CA SER C 135 3.35 33.36 -13.42
C SER C 135 3.27 34.70 -12.66
N GLY C 141 12.02 30.65 -10.37
CA GLY C 141 12.14 29.58 -11.35
C GLY C 141 11.24 28.36 -11.15
N THR C 142 10.49 28.32 -10.05
CA THR C 142 9.66 27.17 -9.70
C THR C 142 8.21 27.56 -9.53
N ALA C 143 7.31 26.70 -10.01
CA ALA C 143 5.87 26.89 -10.00
C ALA C 143 5.15 25.78 -9.25
N ALA C 144 4.03 26.13 -8.65
CA ALA C 144 3.21 25.18 -7.93
C ALA C 144 1.88 25.02 -8.64
N LEU C 145 1.41 23.78 -8.74
CA LEU C 145 0.11 23.46 -9.31
C LEU C 145 -0.43 22.29 -8.52
N GLY C 146 -1.72 22.01 -8.66
CA GLY C 146 -2.27 20.94 -7.85
C GLY C 146 -3.67 20.57 -8.25
N CYS C 147 -4.26 19.71 -7.42
CA CYS C 147 -5.66 19.30 -7.58
C CYS C 147 -6.38 19.43 -6.26
N LEU C 148 -7.61 19.97 -6.31
CA LEU C 148 -8.49 20.04 -5.15
C LEU C 148 -9.52 18.94 -5.29
N VAL C 149 -9.50 17.99 -4.38
CA VAL C 149 -10.37 16.83 -4.42
C VAL C 149 -11.43 17.07 -3.36
N LYS C 150 -12.59 17.59 -3.78
CA LYS C 150 -13.55 18.18 -2.86
C LYS C 150 -14.84 17.36 -2.81
N ASP C 151 -15.36 17.15 -1.60
CA ASP C 151 -16.72 16.68 -1.36
C ASP C 151 -16.96 15.21 -1.73
N TYR C 152 -16.20 14.34 -1.11
CA TYR C 152 -16.35 12.91 -1.25
C TYR C 152 -16.62 12.29 0.12
N PHE C 153 -17.17 11.07 0.11
CA PHE C 153 -17.42 10.33 1.32
C PHE C 153 -17.51 8.87 0.96
N PRO C 154 -16.94 7.95 1.77
CA PRO C 154 -16.08 8.26 2.91
C PRO C 154 -14.63 8.35 2.47
N GLU C 155 -13.71 8.37 3.43
CA GLU C 155 -12.32 8.10 3.16
C GLU C 155 -12.15 6.64 2.73
N PRO C 156 -11.08 6.33 1.98
CA PRO C 156 -9.99 7.19 1.50
C PRO C 156 -9.97 7.42 -0.01
N VAL C 157 -9.14 8.35 -0.45
CA VAL C 157 -8.83 8.56 -1.87
C VAL C 157 -7.34 8.42 -2.05
N THR C 158 -6.94 8.07 -3.26
CA THR C 158 -5.55 8.02 -3.69
C THR C 158 -5.32 9.01 -4.82
N VAL C 159 -4.12 9.61 -4.84
CA VAL C 159 -3.74 10.57 -5.88
C VAL C 159 -2.34 10.24 -6.34
N SER C 160 -2.14 10.14 -7.65
CA SER C 160 -0.81 10.17 -8.21
C SER C 160 -0.79 11.22 -9.30
N TRP C 161 0.40 11.45 -9.86
CA TRP C 161 0.62 12.48 -10.87
C TRP C 161 1.28 11.87 -12.10
N ASN C 162 0.72 12.18 -13.27
CA ASN C 162 1.21 11.72 -14.58
C ASN C 162 1.42 10.20 -14.57
N SER C 163 0.41 9.50 -14.03
CA SER C 163 0.36 8.04 -13.93
C SER C 163 1.55 7.46 -13.16
N GLY C 164 2.10 8.22 -12.23
CA GLY C 164 3.24 7.75 -11.45
C GLY C 164 4.58 8.24 -11.96
N ALA C 165 4.61 8.85 -13.13
CA ALA C 165 5.89 9.32 -13.67
C ALA C 165 6.43 10.49 -12.89
N LEU C 166 5.58 11.16 -12.12
CA LEU C 166 5.92 12.39 -11.40
C LEU C 166 5.71 12.18 -9.90
N THR C 167 6.81 12.21 -9.15
CA THR C 167 6.82 11.90 -7.71
C THR C 167 7.56 12.96 -6.92
N SER C 168 8.55 13.60 -7.55
CA SER C 168 9.37 14.61 -6.88
C SER C 168 8.56 15.86 -6.61
N GLY C 169 8.54 16.25 -5.34
CA GLY C 169 7.87 17.48 -4.97
C GLY C 169 6.39 17.35 -4.84
N VAL C 170 5.85 16.12 -4.91
CA VAL C 170 4.43 15.88 -4.71
C VAL C 170 4.12 15.95 -3.22
N HIS C 171 3.08 16.70 -2.86
CA HIS C 171 2.51 16.69 -1.53
C HIS C 171 1.02 16.45 -1.65
N THR C 172 0.55 15.33 -1.11
CA THR C 172 -0.87 15.04 -0.95
C THR C 172 -1.22 15.17 0.52
N PHE C 173 -2.10 16.07 0.84
CA PHE C 173 -2.37 16.49 2.21
C PHE C 173 -3.44 15.61 2.84
N PRO C 174 -3.42 15.43 4.16
CA PRO C 174 -4.53 14.76 4.81
C PRO C 174 -5.83 15.46 4.51
N ALA C 175 -6.87 14.67 4.26
CA ALA C 175 -8.19 15.26 4.08
C ALA C 175 -8.64 15.95 5.37
N VAL C 176 -9.52 16.95 5.22
CA VAL C 176 -10.27 17.54 6.31
C VAL C 176 -11.73 17.16 6.15
N LEU C 177 -12.44 17.06 7.25
CA LEU C 177 -13.86 16.73 7.22
C LEU C 177 -14.66 18.02 7.32
N GLN C 178 -15.40 18.34 6.27
CA GLN C 178 -16.15 19.59 6.27
C GLN C 178 -17.42 19.46 7.11
N SER C 179 -17.97 20.63 7.51
CA SER C 179 -19.20 20.64 8.30
C SER C 179 -20.35 20.04 7.53
N SER C 180 -20.29 20.08 6.20
CA SER C 180 -21.24 19.35 5.37
C SER C 180 -21.13 17.84 5.54
N GLY C 181 -20.10 17.34 6.24
CA GLY C 181 -19.92 15.91 6.40
C GLY C 181 -19.18 15.24 5.27
N LEU C 182 -18.76 16.00 4.26
CA LEU C 182 -17.99 15.46 3.16
C LEU C 182 -16.53 15.84 3.35
N TYR C 183 -15.65 15.03 2.78
CA TYR C 183 -14.21 15.23 2.92
C TYR C 183 -13.68 16.09 1.79
N SER C 184 -12.62 16.81 2.08
CA SER C 184 -11.91 17.50 1.03
C SER C 184 -10.41 17.38 1.24
N LEU C 185 -9.69 17.40 0.13
CA LEU C 185 -8.26 17.11 0.11
C LEU C 185 -7.63 17.85 -1.07
N SER C 186 -6.39 18.26 -0.89
CA SER C 186 -5.60 18.87 -1.95
C SER C 186 -4.33 18.06 -2.18
N SER C 187 -3.90 18.04 -3.43
CA SER C 187 -2.65 17.40 -3.79
C SER C 187 -1.87 18.35 -4.68
N VAL C 188 -0.62 18.62 -4.31
CA VAL C 188 0.15 19.65 -4.96
C VAL C 188 1.50 19.10 -5.39
N VAL C 189 2.12 19.80 -6.34
CA VAL C 189 3.46 19.47 -6.78
C VAL C 189 4.13 20.77 -7.21
N THR C 190 5.40 20.91 -6.86
CA THR C 190 6.23 22.00 -7.34
C THR C 190 7.03 21.50 -8.54
N VAL C 191 7.29 22.43 -9.46
CA VAL C 191 7.67 22.07 -10.82
C VAL C 191 8.45 23.25 -11.39
N PRO C 192 9.40 23.01 -12.29
CA PRO C 192 10.09 24.13 -12.94
C PRO C 192 9.12 24.90 -13.83
N SER C 193 9.22 26.23 -13.76
CA SER C 193 8.32 27.07 -14.55
C SER C 193 8.54 26.91 -16.05
N SER C 194 9.77 26.55 -16.45
CA SER C 194 10.07 26.38 -17.86
C SER C 194 9.25 25.29 -18.54
N SER C 195 8.71 24.35 -17.77
CA SER C 195 8.00 23.24 -18.38
C SER C 195 6.50 23.47 -18.44
N LEU C 196 5.99 24.58 -17.89
CA LEU C 196 4.55 24.73 -17.82
C LEU C 196 3.93 24.83 -19.20
N GLY C 197 4.66 25.40 -20.17
CA GLY C 197 4.10 25.46 -21.50
C GLY C 197 4.29 24.19 -22.33
N THR C 198 5.11 23.25 -21.86
CA THR C 198 5.52 22.10 -22.65
C THR C 198 5.19 20.75 -22.01
N GLN C 199 5.12 20.68 -20.69
CA GLN C 199 4.84 19.43 -19.98
C GLN C 199 3.37 19.37 -19.57
N THR C 200 2.74 18.22 -19.80
CA THR C 200 1.35 18.00 -19.44
C THR C 200 1.24 17.41 -18.04
N TYR C 201 0.38 18.01 -17.21
CA TYR C 201 0.20 17.61 -15.81
C TYR C 201 -1.22 17.08 -15.58
N ILE C 202 -1.30 15.86 -15.07
CA ILE C 202 -2.56 15.16 -14.81
C ILE C 202 -2.48 14.56 -13.43
N CYS C 203 -3.45 14.88 -12.57
CA CYS C 203 -3.58 14.18 -11.30
C CYS C 203 -4.57 13.04 -11.48
N ASN C 204 -4.16 11.84 -11.11
CA ASN C 204 -5.01 10.67 -11.18
C ASN C 204 -5.60 10.44 -9.79
N VAL C 205 -6.90 10.66 -9.66
CA VAL C 205 -7.58 10.47 -8.38
C VAL C 205 -8.41 9.20 -8.50
N ASN C 206 -8.29 8.33 -7.51
CA ASN C 206 -9.08 7.11 -7.44
C ASN C 206 -9.77 7.06 -6.09
N HIS C 207 -11.10 6.97 -6.10
CA HIS C 207 -11.91 6.92 -4.87
C HIS C 207 -12.63 5.58 -4.86
N LYS C 208 -11.98 4.58 -4.30
CA LYS C 208 -12.51 3.22 -4.38
C LYS C 208 -13.87 3.03 -3.69
N PRO C 209 -14.18 3.66 -2.55
CA PRO C 209 -15.51 3.45 -1.94
C PRO C 209 -16.69 3.71 -2.87
N SER C 210 -16.53 4.59 -3.87
CA SER C 210 -17.61 4.93 -4.80
C SER C 210 -17.28 4.52 -6.23
N ASN C 211 -16.17 3.82 -6.45
CA ASN C 211 -15.78 3.42 -7.79
C ASN C 211 -15.74 4.63 -8.74
N THR C 212 -15.29 5.78 -8.22
CA THR C 212 -15.00 6.94 -9.03
C THR C 212 -13.51 6.96 -9.37
N LYS C 213 -13.18 7.34 -10.59
CA LYS C 213 -11.81 7.40 -11.08
C LYS C 213 -11.71 8.61 -11.98
N VAL C 214 -10.91 9.61 -11.59
CA VAL C 214 -10.85 10.88 -12.30
C VAL C 214 -9.40 11.17 -12.62
N ASP C 215 -9.14 11.61 -13.84
CA ASP C 215 -7.80 12.01 -14.28
C ASP C 215 -7.94 13.44 -14.78
N LYS C 216 -7.50 14.42 -14.00
CA LYS C 216 -7.72 15.83 -14.34
C LYS C 216 -6.46 16.48 -14.88
N ARG C 217 -6.60 17.19 -15.99
CA ARG C 217 -5.52 17.95 -16.56
C ARG C 217 -5.52 19.32 -15.88
N VAL C 218 -4.34 19.79 -15.51
CA VAL C 218 -4.16 21.05 -14.80
C VAL C 218 -3.34 21.98 -15.70
N GLU C 219 -3.95 23.08 -16.11
CA GLU C 219 -3.36 24.03 -17.05
C GLU C 219 -3.20 25.40 -16.40
N PRO C 220 -2.33 26.24 -16.95
CA PRO C 220 -2.33 27.66 -16.56
C PRO C 220 -3.63 28.34 -16.95
N LYS C 221 -3.91 29.49 -16.31
CA LYS C 221 -5.18 30.17 -16.53
C LYS C 221 -5.07 31.14 -17.72
N SER C 222 -5.58 32.39 -17.55
CA SER C 222 -5.49 33.47 -18.57
C SER C 222 -6.01 34.83 -18.08
N GLU D 1 -9.21 5.89 36.25
CA GLU D 1 -8.34 5.07 35.43
C GLU D 1 -6.91 5.55 35.69
N ILE D 2 -5.93 4.70 35.40
CA ILE D 2 -4.54 5.11 35.51
C ILE D 2 -4.21 5.99 34.31
N VAL D 3 -3.74 7.21 34.57
CA VAL D 3 -3.42 8.17 33.52
C VAL D 3 -1.92 8.17 33.26
N LEU D 4 -1.55 7.99 32.00
CA LEU D 4 -0.15 8.04 31.59
C LEU D 4 0.15 9.38 30.92
N THR D 5 1.21 10.03 31.36
CA THR D 5 1.64 11.31 30.82
C THR D 5 3.02 11.14 30.19
N GLN D 6 3.09 11.31 28.87
CA GLN D 6 4.36 11.25 28.18
C GLN D 6 4.96 12.64 28.04
N SER D 7 6.29 12.69 27.99
CA SER D 7 6.97 13.95 27.73
C SER D 7 8.28 13.61 27.04
N PRO D 8 8.81 14.54 26.22
CA PRO D 8 8.09 15.74 25.82
C PRO D 8 7.04 15.38 24.79
N ALA D 9 6.24 16.36 24.33
CA ALA D 9 5.31 16.08 23.24
C ALA D 9 6.09 15.77 21.96
N THR D 10 7.11 16.56 21.67
CA THR D 10 7.93 16.40 20.48
C THR D 10 9.38 16.36 20.92
N LEU D 11 10.14 15.47 20.31
CA LEU D 11 11.59 15.39 20.48
C LEU D 11 12.23 15.56 19.11
N SER D 12 13.10 16.59 18.96
CA SER D 12 13.74 16.94 17.70
C SER D 12 15.23 16.65 17.77
N LEU D 13 15.69 15.64 17.03
CA LEU D 13 17.05 15.17 17.13
C LEU D 13 17.50 14.73 15.75
N SER D 14 18.81 14.48 15.63
CA SER D 14 19.42 13.98 14.40
C SER D 14 19.90 12.55 14.58
N PRO D 15 20.11 11.81 13.49
CA PRO D 15 20.66 10.46 13.64
C PRO D 15 21.98 10.52 14.38
N GLY D 16 22.18 9.55 15.25
CA GLY D 16 23.37 9.50 16.07
C GLY D 16 23.24 10.10 17.44
N GLU D 17 22.22 10.93 17.70
CA GLU D 17 22.04 11.51 19.03
C GLU D 17 21.28 10.52 19.91
N ARG D 18 21.38 10.72 21.23
CA ARG D 18 20.69 9.84 22.16
C ARG D 18 19.31 10.40 22.45
N ALA D 19 18.33 9.53 22.51
CA ALA D 19 16.96 9.97 22.69
C ALA D 19 16.38 9.33 23.96
N THR D 20 15.83 10.18 24.83
CA THR D 20 15.24 9.75 26.08
C THR D 20 13.78 10.22 26.12
N LEU D 21 12.86 9.28 26.29
CA LEU D 21 11.44 9.56 26.33
C LEU D 21 10.88 9.16 27.69
N SER D 22 9.93 9.94 28.20
CA SER D 22 9.39 9.72 29.53
C SER D 22 7.91 9.38 29.49
N CYS D 23 7.50 8.50 30.40
CA CYS D 23 6.10 8.12 30.59
C CYS D 23 5.89 7.97 32.09
N ARG D 24 5.08 8.85 32.67
CA ARG D 24 4.77 8.83 34.10
C ARG D 24 3.33 8.40 34.30
N ALA D 25 3.15 7.45 35.21
CA ALA D 25 1.84 6.92 35.53
C ALA D 25 1.32 7.58 36.81
N SER D 26 0.01 7.86 36.84
CA SER D 26 -0.60 8.51 37.98
C SER D 26 -0.60 7.65 39.24
N GLN D 27 -0.33 6.35 39.15
CA GLN D 27 -0.19 5.50 40.33
C GLN D 27 0.67 4.29 39.98
N SER D 28 1.21 3.63 41.01
CA SER D 28 2.19 2.55 40.79
C SER D 28 1.62 1.44 39.92
N ILE D 29 2.35 1.09 38.87
CA ILE D 29 2.00 -0.02 38.00
C ILE D 29 3.09 -1.07 38.03
N SER D 30 3.94 -1.03 39.06
CA SER D 30 5.06 -1.94 39.18
C SER D 30 5.85 -1.83 37.87
N SER D 31 6.11 -2.92 37.17
CA SER D 31 6.87 -2.88 35.93
C SER D 31 6.00 -3.06 34.70
N TYR D 32 4.68 -3.04 34.87
CA TYR D 32 3.77 -3.45 33.80
C TYR D 32 3.50 -2.28 32.84
N LEU D 33 4.57 -1.87 32.17
CA LEU D 33 4.52 -0.85 31.13
C LEU D 33 5.06 -1.42 29.83
N ALA D 34 4.44 -1.04 28.70
CA ALA D 34 4.89 -1.42 27.38
C ALA D 34 5.08 -0.16 26.53
N TRP D 35 6.02 -0.23 25.59
CA TRP D 35 6.33 0.88 24.68
C TRP D 35 6.04 0.45 23.24
N TYR D 36 5.31 1.30 22.51
CA TYR D 36 4.97 1.05 21.12
C TYR D 36 5.48 2.15 20.20
N GLN D 37 5.82 1.75 18.97
CA GLN D 37 6.24 2.65 17.91
C GLN D 37 5.19 2.64 16.81
N GLN D 38 4.86 3.81 16.28
CA GLN D 38 3.90 3.91 15.19
C GLN D 38 4.44 4.85 14.12
N LYS D 39 4.53 4.36 12.93
CA LYS D 39 4.85 5.21 11.79
C LYS D 39 3.58 5.50 11.01
N PRO D 40 3.57 6.55 10.20
CA PRO D 40 2.31 6.95 9.54
C PRO D 40 1.77 5.86 8.61
N GLY D 41 0.48 5.57 8.74
CA GLY D 41 -0.12 4.53 7.93
C GLY D 41 0.07 3.10 8.41
N GLN D 42 0.67 2.88 9.57
CA GLN D 42 0.90 1.55 10.10
C GLN D 42 0.24 1.38 11.45
N ALA D 43 0.00 0.13 11.82
CA ALA D 43 -0.39 -0.17 13.18
C ALA D 43 0.76 0.12 14.15
N PRO D 44 0.44 0.43 15.41
CA PRO D 44 1.47 0.49 16.44
C PRO D 44 2.27 -0.80 16.44
N ARG D 45 3.50 -0.71 16.91
CA ARG D 45 4.40 -1.85 16.91
C ARG D 45 4.98 -1.99 18.31
N LEU D 46 4.96 -3.20 18.85
CA LEU D 46 5.48 -3.41 20.19
C LEU D 46 7.00 -3.24 20.19
N LEU D 47 7.51 -2.45 21.13
CA LEU D 47 8.95 -2.28 21.33
C LEU D 47 9.44 -2.96 22.60
N ILE D 48 8.86 -2.56 23.73
CA ILE D 48 9.30 -3.02 25.04
C ILE D 48 8.07 -3.51 25.78
N TYR D 49 8.21 -4.65 26.48
CA TYR D 49 7.20 -5.10 27.42
C TYR D 49 7.82 -5.33 28.80
N ASP D 50 6.97 -5.20 29.82
CA ASP D 50 7.38 -5.33 31.21
C ASP D 50 8.56 -4.39 31.52
N ALA D 51 8.40 -3.13 31.08
CA ALA D 51 9.32 -2.00 31.32
C ALA D 51 10.67 -2.13 30.62
N SER D 52 11.22 -3.34 30.52
CA SER D 52 12.63 -3.51 30.19
C SER D 52 12.95 -4.54 29.11
N ASN D 53 12.01 -5.34 28.64
CA ASN D 53 12.30 -6.40 27.70
C ASN D 53 12.00 -5.94 26.27
N ARG D 54 12.97 -6.09 25.38
CA ARG D 54 12.69 -5.85 23.98
C ARG D 54 11.85 -6.99 23.43
N ALA D 55 10.91 -6.67 22.55
CA ALA D 55 10.29 -7.72 21.73
C ALA D 55 11.32 -8.30 20.75
N THR D 56 11.10 -9.54 20.31
CA THR D 56 12.08 -10.19 19.45
C THR D 56 12.34 -9.36 18.19
N GLY D 57 13.61 -9.23 17.85
CA GLY D 57 13.99 -8.50 16.66
C GLY D 57 14.17 -7.00 16.84
N ILE D 58 13.73 -6.45 17.96
CA ILE D 58 13.95 -5.03 18.20
C ILE D 58 15.44 -4.78 18.40
N PRO D 59 16.03 -3.82 17.70
CA PRO D 59 17.48 -3.62 17.80
C PRO D 59 17.92 -3.23 19.21
N ALA D 60 19.18 -3.54 19.52
CA ALA D 60 19.69 -3.42 20.87
C ALA D 60 19.80 -1.97 21.32
N ARG D 61 19.76 -1.00 20.40
CA ARG D 61 19.85 0.39 20.80
C ARG D 61 18.64 0.87 21.58
N PHE D 62 17.57 0.07 21.67
CA PHE D 62 16.37 0.38 22.44
C PHE D 62 16.47 -0.25 23.82
N SER D 63 16.36 0.58 24.85
CA SER D 63 16.38 0.17 26.25
C SER D 63 15.19 0.78 26.97
N GLY D 64 14.57 -0.01 27.84
CA GLY D 64 13.47 0.44 28.66
C GLY D 64 13.91 0.42 30.11
N SER D 65 13.42 1.40 30.88
CA SER D 65 13.69 1.45 32.30
C SER D 65 12.48 2.00 33.03
N GLY D 66 12.41 1.69 34.33
CA GLY D 66 11.35 2.17 35.18
C GLY D 66 10.62 1.11 36.00
N SER D 67 10.20 1.49 37.20
CA SER D 67 9.34 0.66 38.02
C SER D 67 8.59 1.58 38.97
N GLY D 68 7.28 1.44 39.03
CA GLY D 68 6.53 2.33 39.90
C GLY D 68 5.71 3.33 39.14
N THR D 69 6.20 4.58 39.06
CA THR D 69 5.48 5.63 38.37
C THR D 69 6.27 6.28 37.24
N ASP D 70 7.60 6.26 37.27
CA ASP D 70 8.42 6.97 36.29
C ASP D 70 9.08 5.96 35.36
N PHE D 71 8.87 6.12 34.05
CA PHE D 71 9.43 5.21 33.06
C PHE D 71 10.13 6.00 31.96
N THR D 72 11.07 5.32 31.31
CA THR D 72 11.97 5.91 30.32
C THR D 72 12.18 4.94 29.17
N LEU D 73 12.14 5.47 27.93
CA LEU D 73 12.60 4.76 26.74
C LEU D 73 13.85 5.46 26.19
N THR D 74 14.91 4.70 25.95
CA THR D 74 16.17 5.28 25.53
C THR D 74 16.61 4.65 24.22
N ILE D 75 16.86 5.47 23.21
CA ILE D 75 17.52 5.05 21.98
C ILE D 75 18.92 5.61 22.05
N SER D 76 19.92 4.73 22.19
CA SER D 76 21.25 5.24 22.54
C SER D 76 21.87 5.97 21.37
N SER D 77 21.47 5.64 20.14
CA SER D 77 21.95 6.38 18.99
C SER D 77 20.95 6.18 17.86
N LEU D 78 20.20 7.25 17.51
CA LEU D 78 19.10 7.15 16.53
C LEU D 78 19.61 6.79 15.15
N GLU D 79 18.92 5.88 14.52
CA GLU D 79 18.98 5.66 13.08
C GLU D 79 17.80 6.35 12.41
N PRO D 80 17.88 6.61 11.10
CA PRO D 80 16.73 7.21 10.40
C PRO D 80 15.43 6.45 10.55
N GLU D 81 15.49 5.14 10.74
CA GLU D 81 14.29 4.32 10.93
C GLU D 81 13.55 4.62 12.23
N ASP D 82 14.19 5.31 13.17
CA ASP D 82 13.65 5.47 14.52
C ASP D 82 12.70 6.65 14.69
N PHE D 83 12.57 7.52 13.68
CA PHE D 83 11.77 8.72 13.86
C PHE D 83 10.31 8.39 13.58
N ALA D 84 9.47 8.59 14.59
CA ALA D 84 8.12 8.06 14.58
C ALA D 84 7.42 8.52 15.85
N VAL D 85 6.21 8.04 16.09
CA VAL D 85 5.46 8.38 17.28
C VAL D 85 5.56 7.21 18.25
N TYR D 86 5.82 7.52 19.52
CA TYR D 86 6.01 6.52 20.56
C TYR D 86 4.92 6.67 21.63
N TYR D 87 4.21 5.58 21.90
CA TYR D 87 3.18 5.51 22.92
C TYR D 87 3.62 4.53 24.01
N CYS D 88 3.32 4.86 25.25
CA CYS D 88 3.43 3.87 26.31
C CYS D 88 2.05 3.29 26.59
N GLN D 89 2.05 2.11 27.18
CA GLN D 89 0.79 1.50 27.59
C GLN D 89 1.01 0.83 28.94
N GLN D 90 0.00 0.93 29.79
CA GLN D 90 0.05 0.34 31.10
C GLN D 90 -0.83 -0.92 31.10
N ARG D 91 -0.37 -1.97 31.79
CA ARG D 91 -1.12 -3.20 31.89
C ARG D 91 -1.16 -3.73 33.32
N SER D 92 -1.23 -2.82 34.28
CA SER D 92 -1.48 -3.20 35.66
C SER D 92 -2.95 -3.52 35.86
N ASN D 93 -3.84 -2.63 35.44
CA ASN D 93 -5.25 -2.77 35.76
C ASN D 93 -6.11 -2.20 34.66
N TRP D 94 -7.33 -2.72 34.57
CA TRP D 94 -8.30 -2.17 33.64
C TRP D 94 -8.90 -0.85 34.14
N PRO D 95 -9.21 0.10 33.23
CA PRO D 95 -8.99 -0.01 31.79
C PRO D 95 -7.51 0.12 31.43
N LEU D 96 -7.01 -0.62 30.45
CA LEU D 96 -5.65 -0.37 29.98
C LEU D 96 -5.61 1.00 29.32
N THR D 97 -4.56 1.75 29.57
CA THR D 97 -4.51 3.11 29.08
C THR D 97 -3.18 3.36 28.37
N PHE D 98 -3.20 4.38 27.51
CA PHE D 98 -2.03 4.81 26.76
C PHE D 98 -1.65 6.23 27.17
N GLY D 99 -0.36 6.53 27.06
CA GLY D 99 0.08 7.90 27.03
C GLY D 99 -0.41 8.56 25.76
N GLN D 100 -0.32 9.89 25.73
CA GLN D 100 -0.81 10.63 24.57
C GLN D 100 0.14 10.54 23.38
N GLY D 101 1.36 10.05 23.58
CA GLY D 101 2.32 9.99 22.51
C GLY D 101 3.41 11.05 22.52
N THR D 102 4.62 10.66 22.15
CA THR D 102 5.71 11.58 21.89
C THR D 102 6.07 11.45 20.41
N ASN D 103 6.12 12.58 19.71
CA ASN D 103 6.55 12.59 18.31
C ASN D 103 8.06 12.83 18.27
N LEU D 104 8.77 11.89 17.65
CA LEU D 104 10.22 11.96 17.52
C LEU D 104 10.52 12.30 16.07
N GLU D 105 10.97 13.53 15.85
CA GLU D 105 11.14 14.09 14.51
C GLU D 105 12.60 14.45 14.29
N ILE D 106 12.97 14.55 13.03
CA ILE D 106 14.34 14.91 12.67
C ILE D 106 14.52 16.42 12.80
N LYS D 107 15.56 16.82 13.53
CA LYS D 107 15.92 18.23 13.60
C LYS D 107 16.85 18.56 12.45
N ARG D 108 16.47 19.55 11.65
CA ARG D 108 17.26 20.05 10.51
C ARG D 108 17.42 21.56 10.70
N THR D 109 18.15 22.20 9.80
CA THR D 109 18.21 23.66 9.81
C THR D 109 16.84 24.27 9.49
N VAL D 110 16.71 25.56 9.82
CA VAL D 110 15.47 26.28 9.53
C VAL D 110 15.32 26.48 8.03
N ALA D 111 14.12 26.20 7.51
CA ALA D 111 13.77 26.46 6.11
C ALA D 111 12.47 27.25 6.08
N ALA D 112 12.50 28.43 5.45
CA ALA D 112 11.28 29.19 5.25
C ALA D 112 10.39 28.51 4.22
N PRO D 113 9.07 28.61 4.36
CA PRO D 113 8.18 28.01 3.37
C PRO D 113 8.09 28.87 2.12
N SER D 114 7.84 28.22 0.99
CA SER D 114 7.38 28.95 -0.20
C SER D 114 5.86 29.03 -0.16
N VAL D 115 5.32 30.23 -0.30
CA VAL D 115 3.89 30.46 -0.18
C VAL D 115 3.32 30.70 -1.58
N PHE D 116 2.24 29.99 -1.91
CA PHE D 116 1.54 30.11 -3.19
C PHE D 116 0.06 30.17 -2.90
N ILE D 117 -0.66 31.10 -3.56
CA ILE D 117 -2.10 31.22 -3.36
C ILE D 117 -2.83 30.89 -4.66
N PHE D 118 -3.89 30.09 -4.54
CA PHE D 118 -4.69 29.63 -5.69
C PHE D 118 -6.13 30.11 -5.60
N PRO D 119 -6.57 30.98 -6.51
CA PRO D 119 -8.00 31.37 -6.55
C PRO D 119 -8.86 30.20 -6.98
N PRO D 120 -10.18 30.26 -6.78
CA PRO D 120 -11.05 29.15 -7.17
C PRO D 120 -11.07 28.98 -8.68
N SER D 121 -11.22 27.73 -9.11
CA SER D 121 -11.35 27.45 -10.54
C SER D 121 -12.69 27.97 -11.04
N ASP D 122 -12.72 28.38 -12.31
CA ASP D 122 -13.99 28.75 -12.94
C ASP D 122 -14.98 27.59 -12.88
N GLU D 123 -14.48 26.37 -13.04
CA GLU D 123 -15.35 25.19 -13.00
C GLU D 123 -16.01 25.04 -11.64
N GLN D 124 -15.26 25.23 -10.54
CA GLN D 124 -15.88 25.22 -9.23
C GLN D 124 -16.82 26.41 -9.05
N LEU D 125 -16.54 27.53 -9.70
CA LEU D 125 -17.41 28.68 -9.56
C LEU D 125 -18.78 28.43 -10.15
N LYS D 126 -18.86 27.68 -11.26
CA LYS D 126 -20.18 27.33 -11.82
C LYS D 126 -21.05 26.66 -10.77
N SER D 127 -20.44 25.85 -9.89
CA SER D 127 -21.16 25.00 -8.94
C SER D 127 -21.80 25.77 -7.80
N GLY D 128 -21.35 27.01 -7.54
CA GLY D 128 -21.89 27.81 -6.46
C GLY D 128 -21.04 27.90 -5.20
N THR D 129 -19.84 27.30 -5.20
CA THR D 129 -18.92 27.38 -4.08
C THR D 129 -17.54 27.82 -4.58
N ALA D 130 -16.85 28.62 -3.77
CA ALA D 130 -15.51 29.10 -4.07
C ALA D 130 -14.55 28.61 -3.01
N SER D 131 -13.52 27.89 -3.42
CA SER D 131 -12.44 27.46 -2.55
C SER D 131 -11.17 28.20 -2.92
N VAL D 132 -10.63 28.95 -1.97
CA VAL D 132 -9.33 29.58 -2.10
C VAL D 132 -8.32 28.73 -1.34
N VAL D 133 -7.19 28.43 -1.98
CA VAL D 133 -6.21 27.53 -1.40
C VAL D 133 -4.91 28.28 -1.20
N CYS D 134 -4.31 28.08 -0.04
CA CYS D 134 -3.00 28.65 0.24
C CYS D 134 -2.04 27.55 0.67
N LEU D 135 -0.89 27.49 0.01
CA LEU D 135 0.09 26.43 0.17
C LEU D 135 1.36 26.96 0.81
N LEU D 136 1.79 26.29 1.88
CA LEU D 136 3.07 26.54 2.53
C LEU D 136 3.94 25.32 2.24
N ASN D 137 4.98 25.52 1.46
CA ASN D 137 5.74 24.41 0.87
C ASN D 137 7.09 24.26 1.55
N ASN D 138 7.33 23.09 2.13
CA ASN D 138 8.67 22.62 2.54
C ASN D 138 9.34 23.57 3.53
N PHE D 139 8.75 23.66 4.72
CA PHE D 139 9.29 24.52 5.76
C PHE D 139 9.70 23.69 6.97
N TYR D 140 10.53 24.30 7.82
CA TYR D 140 10.98 23.70 9.08
C TYR D 140 11.39 24.80 10.02
N PRO D 141 10.98 24.75 11.30
CA PRO D 141 10.21 23.71 12.02
C PRO D 141 8.72 23.66 11.68
N ARG D 142 7.97 22.77 12.35
CA ARG D 142 6.58 22.53 11.98
C ARG D 142 5.66 23.67 12.34
N GLU D 143 6.04 24.51 13.31
CA GLU D 143 5.16 25.59 13.76
C GLU D 143 5.05 26.65 12.67
N ALA D 144 3.86 26.82 12.12
CA ALA D 144 3.57 27.86 11.17
C ALA D 144 2.14 28.30 11.38
N LYS D 145 1.87 29.58 11.19
CA LYS D 145 0.53 30.13 11.30
C LYS D 145 0.15 30.78 9.97
N VAL D 146 -1.05 30.49 9.49
CA VAL D 146 -1.60 31.14 8.31
C VAL D 146 -2.91 31.82 8.69
N GLN D 147 -3.13 33.03 8.16
CA GLN D 147 -4.35 33.77 8.41
C GLN D 147 -4.96 34.26 7.11
N TRP D 148 -6.27 34.08 6.95
CA TRP D 148 -6.98 34.57 5.78
C TRP D 148 -7.49 35.99 6.06
N LYS D 149 -7.28 36.88 5.10
CA LYS D 149 -7.72 38.27 5.14
C LYS D 149 -8.44 38.56 3.84
N VAL D 150 -9.72 38.89 3.93
CA VAL D 150 -10.55 39.24 2.78
C VAL D 150 -10.88 40.72 2.88
N ASP D 151 -10.40 41.52 1.91
CA ASP D 151 -10.52 42.98 1.95
C ASP D 151 -9.94 43.54 3.25
N ASN D 152 -8.82 42.96 3.69
CA ASN D 152 -8.11 43.34 4.91
C ASN D 152 -8.91 43.04 6.19
N ALA D 153 -9.85 42.09 6.15
CA ALA D 153 -10.59 41.66 7.33
C ALA D 153 -10.21 40.22 7.64
N LEU D 154 -9.68 40.00 8.85
CA LEU D 154 -9.31 38.66 9.30
C LEU D 154 -10.53 37.74 9.39
N GLN D 155 -10.33 36.49 8.96
CA GLN D 155 -11.38 35.50 8.91
C GLN D 155 -11.22 34.47 10.01
N SER D 156 -12.33 33.83 10.36
CA SER D 156 -12.32 32.71 11.29
C SER D 156 -13.56 31.89 11.00
N GLY D 157 -13.46 30.60 11.26
CA GLY D 157 -14.61 29.72 11.13
C GLY D 157 -15.00 29.37 9.71
N ASN D 158 -14.18 29.72 8.71
CA ASN D 158 -14.48 29.32 7.34
C ASN D 158 -13.23 28.81 6.61
N SER D 159 -12.24 28.32 7.33
CA SER D 159 -11.07 27.71 6.72
C SER D 159 -10.72 26.44 7.47
N GLN D 160 -10.09 25.51 6.75
CA GLN D 160 -9.57 24.29 7.31
C GLN D 160 -8.16 24.08 6.79
N GLU D 161 -7.28 23.60 7.67
CA GLU D 161 -5.87 23.35 7.41
C GLU D 161 -5.57 21.88 7.51
N SER D 162 -4.45 21.48 6.91
CA SER D 162 -3.91 20.13 7.05
C SER D 162 -2.41 20.19 6.79
N VAL D 163 -1.65 19.27 7.40
CA VAL D 163 -0.18 19.31 7.32
C VAL D 163 0.37 17.93 7.01
N THR D 164 1.34 17.87 6.10
CA THR D 164 1.95 16.59 5.75
C THR D 164 2.86 16.09 6.86
N GLU D 165 3.20 14.80 6.77
CA GLU D 165 4.24 14.20 7.59
C GLU D 165 5.58 14.78 7.21
N GLN D 166 6.55 14.66 8.13
CA GLN D 166 7.88 15.16 7.84
C GLN D 166 8.43 14.44 6.61
N ASP D 167 8.88 15.21 5.64
CA ASP D 167 9.36 14.63 4.39
C ASP D 167 10.56 13.71 4.64
N SER D 168 10.54 12.53 4.01
CA SER D 168 11.62 11.57 4.19
C SER D 168 12.95 12.03 3.61
N LYS D 169 12.94 12.91 2.60
CA LYS D 169 14.18 13.33 1.93
C LYS D 169 14.78 14.61 2.52
N ASP D 170 13.99 15.68 2.67
CA ASP D 170 14.52 16.95 3.19
C ASP D 170 14.03 17.31 4.59
N SER D 171 13.23 16.45 5.23
CA SER D 171 12.83 16.63 6.62
C SER D 171 11.97 17.87 6.85
N THR D 172 11.27 18.36 5.83
CA THR D 172 10.40 19.52 5.96
C THR D 172 8.93 19.14 6.08
N TYR D 173 8.14 20.16 6.39
CA TYR D 173 6.69 20.03 6.46
C TYR D 173 6.06 20.93 5.41
N SER D 174 4.83 20.59 5.03
CA SER D 174 4.04 21.44 4.16
C SER D 174 2.65 21.61 4.76
N LEU D 175 1.99 22.70 4.37
CA LEU D 175 0.68 23.00 4.90
C LEU D 175 -0.24 23.51 3.79
N SER D 176 -1.46 23.03 3.81
CA SER D 176 -2.49 23.44 2.86
C SER D 176 -3.67 24.00 3.64
N SER D 177 -3.95 25.29 3.45
CA SER D 177 -5.11 25.94 4.05
C SER D 177 -6.12 26.29 2.97
N THR D 178 -7.37 25.92 3.20
CA THR D 178 -8.44 26.16 2.24
C THR D 178 -9.47 27.12 2.82
N LEU D 179 -9.73 28.21 2.11
CA LEU D 179 -10.84 29.11 2.47
C LEU D 179 -12.04 28.80 1.59
N THR D 180 -13.17 28.45 2.21
CA THR D 180 -14.40 28.12 1.49
C THR D 180 -15.44 29.19 1.77
N LEU D 181 -15.94 29.83 0.71
CA LEU D 181 -17.08 30.74 0.73
C LEU D 181 -18.05 30.34 -0.38
N SER D 182 -19.33 30.61 -0.16
CA SER D 182 -20.29 30.47 -1.26
C SER D 182 -19.90 31.41 -2.39
N LYS D 183 -20.28 31.05 -3.61
CA LYS D 183 -20.05 31.92 -4.75
C LYS D 183 -20.61 33.31 -4.46
N ALA D 184 -21.81 33.36 -3.89
CA ALA D 184 -22.42 34.64 -3.55
C ALA D 184 -21.52 35.43 -2.60
N ASP D 185 -21.06 34.79 -1.53
CA ASP D 185 -20.11 35.45 -0.62
C ASP D 185 -18.83 35.82 -1.35
N TYR D 186 -18.34 34.95 -2.23
CA TYR D 186 -17.05 35.19 -2.87
C TYR D 186 -17.04 36.49 -3.67
N GLU D 187 -18.10 36.78 -4.42
CA GLU D 187 -18.10 37.97 -5.26
C GLU D 187 -18.52 39.25 -4.53
N LYS D 188 -18.82 39.19 -3.22
CA LYS D 188 -19.04 40.41 -2.45
C LYS D 188 -17.74 41.08 -2.01
N HIS D 189 -16.57 40.57 -2.39
CA HIS D 189 -15.29 41.10 -1.91
C HIS D 189 -14.24 41.04 -3.00
N LYS D 190 -13.22 41.89 -2.88
CA LYS D 190 -12.23 42.00 -3.97
C LYS D 190 -10.91 41.29 -3.66
N VAL D 191 -10.27 41.63 -2.55
CA VAL D 191 -8.91 41.17 -2.26
C VAL D 191 -8.95 39.92 -1.40
N TYR D 192 -8.29 38.86 -1.86
CA TYR D 192 -8.15 37.62 -1.11
C TYR D 192 -6.67 37.41 -0.80
N ALA D 193 -6.36 37.27 0.49
CA ALA D 193 -4.98 37.29 0.94
C ALA D 193 -4.74 36.20 1.99
N CYS D 194 -3.57 35.60 1.88
CA CYS D 194 -3.06 34.55 2.73
C CYS D 194 -1.83 35.11 3.43
N GLU D 195 -1.85 35.18 4.78
CA GLU D 195 -0.75 35.79 5.54
C GLU D 195 -0.11 34.74 6.44
N VAL D 196 1.22 34.61 6.34
CA VAL D 196 1.98 33.47 6.84
C VAL D 196 3.06 33.97 7.81
N THR D 197 3.18 33.31 8.96
CA THR D 197 4.30 33.58 9.87
C THR D 197 5.06 32.29 10.15
N HIS D 198 6.39 32.37 10.18
CA HIS D 198 7.25 31.21 10.34
C HIS D 198 8.66 31.69 10.70
N GLN D 199 9.36 30.87 11.50
CA GLN D 199 10.69 31.23 11.99
C GLN D 199 11.69 31.47 10.87
N GLY D 200 11.46 30.94 9.66
CA GLY D 200 12.35 31.19 8.57
C GLY D 200 12.12 32.48 7.81
N LEU D 201 11.11 33.26 8.18
CA LEU D 201 10.75 34.47 7.47
C LEU D 201 11.24 35.67 8.26
N SER D 202 11.89 36.61 7.59
CA SER D 202 12.27 37.81 8.33
C SER D 202 11.10 38.74 8.55
N SER D 203 9.99 38.51 7.86
CA SER D 203 8.75 39.24 8.05
C SER D 203 7.59 38.35 7.67
N PRO D 204 6.40 38.58 8.21
CA PRO D 204 5.24 37.83 7.73
C PRO D 204 5.12 38.06 6.24
N VAL D 205 4.78 37.00 5.52
CA VAL D 205 4.64 37.03 4.08
C VAL D 205 3.16 37.00 3.75
N THR D 206 2.72 37.95 2.92
CA THR D 206 1.36 37.97 2.42
C THR D 206 1.40 37.67 0.93
N LYS D 207 0.54 36.75 0.51
CA LYS D 207 0.35 36.43 -0.90
C LYS D 207 -1.14 36.60 -1.17
N SER D 208 -1.48 37.35 -2.21
CA SER D 208 -2.86 37.75 -2.43
C SER D 208 -3.18 37.80 -3.92
N PHE D 209 -4.48 37.93 -4.20
CA PHE D 209 -4.98 38.21 -5.54
C PHE D 209 -6.26 39.03 -5.41
N ASN D 210 -6.61 39.75 -6.48
CA ASN D 210 -7.88 40.45 -6.62
C ASN D 210 -8.79 39.63 -7.55
N ARG D 211 -9.98 39.32 -7.06
CA ARG D 211 -10.91 38.51 -7.84
C ARG D 211 -11.10 39.11 -9.23
N GLY D 212 -10.60 38.39 -10.26
CA GLY D 212 -10.64 38.87 -11.63
C GLY D 212 -9.34 39.36 -12.26
N GLU D 213 -8.46 38.46 -12.71
CA GLU D 213 -7.24 38.89 -13.44
C GLU D 213 -7.34 38.51 -14.93
N GLY E 2 -30.66 -23.68 -20.90
CA GLY E 2 -30.60 -22.70 -21.98
C GLY E 2 -29.41 -22.89 -22.91
N PRO E 3 -29.37 -22.11 -24.01
CA PRO E 3 -28.17 -22.08 -24.87
C PRO E 3 -27.00 -21.28 -24.31
N HIS E 4 -27.24 -20.38 -23.37
CA HIS E 4 -26.17 -19.59 -22.73
C HIS E 4 -26.51 -19.47 -21.26
N PRO E 5 -26.46 -20.57 -20.52
CA PRO E 5 -27.04 -20.59 -19.16
C PRO E 5 -26.34 -19.67 -18.17
N ALA E 6 -25.06 -19.37 -18.38
CA ALA E 6 -24.27 -18.62 -17.41
C ALA E 6 -24.42 -17.10 -17.55
N ALA E 7 -25.01 -16.62 -18.63
CA ALA E 7 -25.09 -15.20 -18.89
C ALA E 7 -25.88 -14.47 -17.80
N PRO E 8 -25.30 -13.46 -17.17
CA PRO E 8 -26.08 -12.61 -16.26
C PRO E 8 -27.36 -12.11 -16.93
N SER E 9 -28.42 -11.98 -16.13
CA SER E 9 -29.75 -11.68 -16.66
C SER E 9 -29.81 -10.31 -17.33
N SER E 10 -28.98 -9.36 -16.93
CA SER E 10 -29.07 -8.05 -17.55
C SER E 10 -28.37 -7.99 -18.89
N TRP E 11 -27.58 -9.01 -19.23
CA TRP E 11 -26.94 -9.09 -20.53
C TRP E 11 -27.91 -9.64 -21.58
N GLY E 12 -27.59 -9.37 -22.83
CA GLY E 12 -28.37 -9.82 -23.96
C GLY E 12 -29.62 -8.99 -24.17
N PRO E 13 -30.44 -9.38 -25.16
CA PRO E 13 -31.71 -8.72 -25.51
C PRO E 13 -32.76 -8.87 -24.41
N PRO F 1 -9.50 -9.71 40.82
CA PRO F 1 -8.74 -9.35 42.03
C PRO F 1 -7.22 -9.47 41.89
N GLY F 2 -6.53 -8.80 42.82
CA GLY F 2 -5.09 -8.78 42.92
C GLY F 2 -4.65 -7.34 42.90
N PRO F 3 -3.35 -7.06 43.20
CA PRO F 3 -2.85 -5.68 43.07
C PRO F 3 -2.62 -5.23 41.63
N HIS F 4 -2.41 -6.16 40.70
CA HIS F 4 -2.14 -5.85 39.29
C HIS F 4 -2.87 -6.88 38.44
N PRO F 5 -4.21 -6.86 38.47
CA PRO F 5 -4.97 -7.99 37.92
C PRO F 5 -4.82 -8.17 36.42
N ALA F 6 -4.49 -7.12 35.69
CA ALA F 6 -4.44 -7.17 34.24
C ALA F 6 -3.09 -7.66 33.72
N ALA F 7 -2.08 -7.72 34.58
CA ALA F 7 -0.72 -8.03 34.13
C ALA F 7 -0.66 -9.40 33.46
N PRO F 8 -0.21 -9.48 32.21
CA PRO F 8 0.02 -10.80 31.61
C PRO F 8 0.87 -11.68 32.51
N SER F 9 0.54 -12.97 32.53
CA SER F 9 1.14 -13.92 33.47
C SER F 9 2.64 -14.09 33.23
N SER F 10 3.11 -13.81 32.01
CA SER F 10 4.54 -13.87 31.70
C SER F 10 5.31 -12.61 32.11
N TRP F 11 4.63 -11.52 32.49
CA TRP F 11 5.32 -10.36 33.04
C TRP F 11 5.52 -10.54 34.54
N GLY F 12 6.50 -9.81 35.09
CA GLY F 12 6.69 -9.85 36.52
C GLY F 12 7.35 -11.13 37.00
N PRO F 13 7.38 -11.33 38.31
CA PRO F 13 8.04 -12.55 38.83
C PRO F 13 7.35 -13.88 38.42
#